data_4DIO
#
_entry.id   4DIO
#
_cell.length_a   65.777
_cell.length_b   69.670
_cell.length_c   138.387
_cell.angle_alpha   90.00
_cell.angle_beta   90.00
_cell.angle_gamma   90.00
#
_symmetry.space_group_name_H-M   'P 21 21 21'
#
loop_
_entity.id
_entity.type
_entity.pdbx_description
1 polymer 'NAD(P) transhydrogenase subunit alpha part 1'
2 water water
#
_entity_poly.entity_id   1
_entity_poly.type   'polypeptide(L)'
_entity_poly.pdbx_seq_one_letter_code
;(MSE)HHHHHHSSGVDLGTENLYFQS(MSE)VSEIVFIAKESDPNEGRVAGSVESVKKLKSLGFDVVVEAGAGLGSRIPD
QEYEKAGARVGTAADAKTADVILKVRRPSAQEISGYRSGAVVIAI(MSE)DPYGNEEAISA(MSE)AGAGLTTFA(MSE)
EL(MSE)PRITRAQS(MSE)DVLSSQANLAGYQAVIDAAYEYDRALP(MSE)(MSE)(MSE)TAAGTVPAAKIFV(MSE)
GAGVAGLQAIATARRLGAVVSATDVRPAAKEQVASLGAKFIAVEDEEFKAAETAGGYAKE(MSE)SGEYQVKQAALVAEH
IAKQDIVITTALIPGRPAPRLVTRE(MSE)LDS(MSE)KPGSVVVDLAVERGGNIEGAEAGKVTEVGGVRIVGHLNVAGR
IAASASLLYAKNLVTFLET(MSE)VSKETKALALN(MSE)EDELVKATALTHGGAVVHPAFGGA(MSE)RGEK
;
_entity_poly.pdbx_strand_id   A,B
#
# COMPACT_ATOMS: atom_id res chain seq x y z
N GLU A 26 -4.16 -19.67 -38.42
CA GLU A 26 -5.16 -19.44 -37.40
C GLU A 26 -4.77 -18.25 -36.59
N ILE A 27 -5.72 -17.40 -36.30
CA ILE A 27 -5.44 -16.11 -35.71
C ILE A 27 -5.98 -15.92 -34.31
N VAL A 28 -5.10 -15.61 -33.37
CA VAL A 28 -5.50 -15.36 -31.99
C VAL A 28 -5.61 -13.87 -31.71
N PHE A 29 -6.80 -13.42 -31.35
CA PHE A 29 -7.03 -12.04 -30.96
C PHE A 29 -6.88 -11.86 -29.46
N ILE A 30 -6.06 -10.89 -29.05
CA ILE A 30 -5.97 -10.53 -27.64
C ILE A 30 -6.71 -9.21 -27.39
N ALA A 31 -7.79 -9.30 -26.64
CA ALA A 31 -8.72 -8.19 -26.52
C ALA A 31 -8.29 -7.19 -25.47
N LYS A 32 -8.58 -5.92 -25.73
CA LYS A 32 -8.50 -4.91 -24.69
C LYS A 32 -9.74 -5.03 -23.83
N GLU A 33 -9.56 -5.11 -22.52
CA GLU A 33 -10.68 -5.21 -21.61
C GLU A 33 -11.43 -3.88 -21.51
N SER A 34 -12.76 -3.95 -21.49
CA SER A 34 -13.59 -2.75 -21.55
C SER A 34 -14.07 -2.28 -20.18
N ASP A 35 -13.98 -3.15 -19.19
CA ASP A 35 -14.45 -2.81 -17.85
C ASP A 35 -13.50 -1.79 -17.19
N PRO A 36 -14.07 -0.66 -16.75
CA PRO A 36 -13.34 0.46 -16.13
C PRO A 36 -12.50 -0.02 -14.94
N ASN A 37 -12.83 -1.20 -14.41
CA ASN A 37 -12.12 -1.77 -13.27
C ASN A 37 -11.13 -2.84 -13.68
N GLU A 38 -10.96 -3.03 -14.99
CA GLU A 38 -10.12 -4.11 -15.48
C GLU A 38 -8.88 -3.62 -16.20
N GLY A 39 -7.75 -3.62 -15.49
CA GLY A 39 -6.50 -3.21 -16.08
C GLY A 39 -5.66 -4.35 -16.61
N ARG A 40 -6.13 -5.58 -16.41
CA ARG A 40 -5.40 -6.77 -16.84
C ARG A 40 -5.60 -7.04 -18.34
N VAL A 41 -4.78 -7.93 -18.88
CA VAL A 41 -4.86 -8.27 -20.30
C VAL A 41 -4.53 -9.74 -20.54
N ALA A 42 -5.10 -10.30 -21.60
CA ALA A 42 -5.02 -11.73 -21.86
C ALA A 42 -3.68 -12.17 -22.44
N GLY A 43 -2.84 -11.22 -22.81
CA GLY A 43 -1.58 -11.54 -23.43
C GLY A 43 -0.39 -10.92 -22.73
N SER A 44 0.71 -11.66 -22.66
CA SER A 44 1.98 -11.13 -22.17
C SER A 44 2.98 -11.24 -23.29
N VAL A 45 4.16 -10.67 -23.10
CA VAL A 45 5.22 -10.77 -24.09
C VAL A 45 5.63 -12.23 -24.28
N GLU A 46 5.88 -12.94 -23.19
CA GLU A 46 6.28 -14.34 -23.26
C GLU A 46 5.15 -15.22 -23.77
N SER A 47 3.95 -14.95 -23.28
CA SER A 47 2.76 -15.67 -23.71
C SER A 47 2.55 -15.51 -25.22
N VAL A 48 2.89 -14.33 -25.73
CA VAL A 48 2.73 -14.04 -27.15
C VAL A 48 3.78 -14.75 -27.99
N LYS A 49 5.01 -14.78 -27.49
CA LYS A 49 6.05 -15.59 -28.10
C LYS A 49 5.59 -17.05 -28.09
N LYS A 50 5.05 -17.48 -26.95
CA LYS A 50 4.51 -18.83 -26.84
C LYS A 50 3.48 -19.10 -27.94
N LEU A 51 2.57 -18.15 -28.13
CA LEU A 51 1.57 -18.28 -29.19
C LEU A 51 2.17 -18.36 -30.59
N LYS A 52 3.23 -17.60 -30.84
CA LYS A 52 3.87 -17.61 -32.14
C LYS A 52 4.44 -18.99 -32.43
N SER A 53 5.08 -19.58 -31.42
CA SER A 53 5.72 -20.87 -31.57
C SER A 53 4.70 -21.93 -31.97
N LEU A 54 3.48 -21.77 -31.49
CA LEU A 54 2.43 -22.75 -31.75
C LEU A 54 1.88 -22.63 -33.17
N GLY A 55 2.31 -21.60 -33.89
CA GLY A 55 1.95 -21.46 -35.30
C GLY A 55 0.84 -20.46 -35.55
N PHE A 56 0.47 -19.72 -34.51
CA PHE A 56 -0.64 -18.79 -34.63
C PHE A 56 -0.21 -17.47 -35.23
N ASP A 57 -1.14 -16.82 -35.93
CA ASP A 57 -1.00 -15.41 -36.26
C ASP A 57 -1.60 -14.69 -35.07
N VAL A 58 -0.85 -13.74 -34.51
CA VAL A 58 -1.23 -13.14 -33.23
C VAL A 58 -1.53 -11.64 -33.31
N VAL A 59 -2.81 -11.30 -33.09
CA VAL A 59 -3.25 -9.92 -33.11
C VAL A 59 -3.47 -9.37 -31.70
N VAL A 60 -3.10 -8.12 -31.47
CA VAL A 60 -3.37 -7.47 -30.19
C VAL A 60 -4.16 -6.20 -30.39
N GLU A 61 -5.31 -6.11 -29.74
CA GLU A 61 -6.14 -4.91 -29.84
C GLU A 61 -5.40 -3.68 -29.29
N ALA A 62 -5.47 -2.58 -30.01
CA ALA A 62 -4.76 -1.36 -29.64
C ALA A 62 -4.94 -0.98 -28.18
N GLY A 63 -3.83 -0.86 -27.47
CA GLY A 63 -3.83 -0.39 -26.09
C GLY A 63 -4.21 -1.40 -25.02
N ALA A 64 -4.23 -2.68 -25.39
CA ALA A 64 -4.72 -3.74 -24.50
C ALA A 64 -3.83 -4.00 -23.27
N GLY A 65 -2.53 -3.82 -23.43
CA GLY A 65 -1.60 -4.08 -22.34
C GLY A 65 -1.31 -2.84 -21.51
N LEU A 66 -1.94 -1.74 -21.86
CA LEU A 66 -1.65 -0.45 -21.25
C LEU A 66 -1.80 -0.46 -19.73
N GLY A 67 -3.01 -0.74 -19.26
CA GLY A 67 -3.27 -0.81 -17.82
C GLY A 67 -2.37 -1.82 -17.15
N SER A 68 -1.78 -2.69 -17.96
CA SER A 68 -0.91 -3.73 -17.46
C SER A 68 0.56 -3.45 -17.79
N ARG A 69 0.81 -2.25 -18.32
CA ARG A 69 2.15 -1.74 -18.60
C ARG A 69 2.92 -2.51 -19.65
N ILE A 70 2.20 -3.10 -20.61
CA ILE A 70 2.81 -3.60 -21.83
C ILE A 70 2.39 -2.72 -23.00
N PRO A 71 3.29 -1.83 -23.45
CA PRO A 71 2.97 -0.98 -24.61
C PRO A 71 2.96 -1.82 -25.87
N ASP A 72 2.20 -1.40 -26.88
CA ASP A 72 2.01 -2.21 -28.06
C ASP A 72 3.30 -2.58 -28.80
N GLN A 73 4.37 -1.80 -28.61
CA GLN A 73 5.61 -2.08 -29.31
C GLN A 73 6.32 -3.30 -28.71
N GLU A 74 6.07 -3.54 -27.43
CA GLU A 74 6.69 -4.67 -26.76
C GLU A 74 6.03 -5.97 -27.23
N TYR A 75 4.74 -5.88 -27.59
CA TYR A 75 4.03 -7.00 -28.19
C TYR A 75 4.54 -7.29 -29.61
N GLU A 76 4.68 -6.23 -30.39
CA GLU A 76 5.18 -6.36 -31.75
C GLU A 76 6.54 -7.03 -31.74
N LYS A 77 7.34 -6.69 -30.75
CA LYS A 77 8.66 -7.28 -30.60
C LYS A 77 8.51 -8.75 -30.20
N ALA A 78 7.37 -9.09 -29.63
CA ALA A 78 7.09 -10.46 -29.20
C ALA A 78 6.47 -11.31 -30.30
N GLY A 79 6.34 -10.73 -31.49
CA GLY A 79 5.83 -11.49 -32.62
C GLY A 79 4.44 -11.07 -33.09
N ALA A 80 3.72 -10.34 -32.26
CA ALA A 80 2.34 -10.00 -32.57
C ALA A 80 2.22 -8.75 -33.44
N ARG A 81 1.16 -8.68 -34.23
CA ARG A 81 0.84 -7.42 -34.88
C ARG A 81 -0.32 -6.76 -34.16
N VAL A 82 -0.33 -5.44 -34.16
CA VAL A 82 -1.35 -4.66 -33.50
C VAL A 82 -2.59 -4.55 -34.38
N GLY A 83 -3.76 -4.58 -33.77
CA GLY A 83 -5.00 -4.47 -34.52
C GLY A 83 -6.06 -3.71 -33.76
N THR A 84 -7.30 -3.83 -34.20
CA THR A 84 -8.41 -3.13 -33.57
C THR A 84 -9.61 -4.05 -33.36
N ALA A 85 -10.67 -3.50 -32.79
CA ALA A 85 -11.92 -4.22 -32.57
C ALA A 85 -12.38 -4.94 -33.85
N ALA A 86 -12.07 -4.36 -35.00
CA ALA A 86 -12.53 -4.90 -36.27
C ALA A 86 -11.93 -6.27 -36.59
N ASP A 87 -10.70 -6.49 -36.15
CA ASP A 87 -10.00 -7.74 -36.45
C ASP A 87 -10.52 -8.90 -35.60
N ALA A 88 -11.22 -8.56 -34.52
CA ALA A 88 -11.79 -9.57 -33.65
C ALA A 88 -12.79 -10.45 -34.41
N LYS A 89 -13.36 -9.91 -35.48
CA LYS A 89 -14.36 -10.66 -36.23
C LYS A 89 -13.70 -11.60 -37.23
N THR A 90 -12.37 -11.59 -37.24
CA THR A 90 -11.62 -12.48 -38.12
C THR A 90 -10.78 -13.46 -37.30
N ALA A 91 -10.79 -13.31 -35.99
CA ALA A 91 -10.02 -14.19 -35.12
C ALA A 91 -10.61 -15.59 -35.09
N ASP A 92 -9.74 -16.59 -34.95
CA ASP A 92 -10.19 -17.95 -34.73
C ASP A 92 -10.26 -18.16 -33.22
N VAL A 93 -9.51 -17.35 -32.49
CA VAL A 93 -9.52 -17.40 -31.04
C VAL A 93 -9.52 -16.01 -30.43
N ILE A 94 -10.46 -15.77 -29.53
CA ILE A 94 -10.41 -14.56 -28.72
C ILE A 94 -9.84 -14.92 -27.35
N LEU A 95 -8.71 -14.31 -27.01
CA LEU A 95 -8.20 -14.38 -25.65
C LEU A 95 -8.60 -13.13 -24.91
N LYS A 96 -9.05 -13.32 -23.67
CA LYS A 96 -9.73 -12.25 -22.97
C LYS A 96 -9.69 -12.49 -21.47
N VAL A 97 -9.88 -11.45 -20.69
CA VAL A 97 -9.90 -11.60 -19.24
C VAL A 97 -11.32 -11.90 -18.75
N ARG A 98 -12.23 -10.96 -18.98
CA ARG A 98 -13.57 -11.09 -18.47
C ARG A 98 -14.54 -11.50 -19.57
N ARG A 99 -15.65 -12.11 -19.16
CA ARG A 99 -16.67 -12.52 -20.10
C ARG A 99 -17.03 -11.38 -21.04
N PRO A 100 -17.05 -11.67 -22.35
CA PRO A 100 -17.50 -10.70 -23.34
C PRO A 100 -18.80 -10.06 -22.90
N SER A 101 -18.89 -8.74 -22.96
CA SER A 101 -20.10 -8.03 -22.57
C SER A 101 -21.14 -8.17 -23.66
N ALA A 102 -22.36 -7.75 -23.35
CA ALA A 102 -23.46 -7.82 -24.31
C ALA A 102 -23.11 -7.15 -25.65
N GLN A 103 -22.28 -6.11 -25.62
CA GLN A 103 -21.96 -5.39 -26.84
C GLN A 103 -20.63 -5.75 -27.50
N GLU A 104 -20.04 -6.86 -27.07
CA GLU A 104 -18.77 -7.30 -27.65
C GLU A 104 -18.92 -8.60 -28.46
N ILE A 105 -19.70 -9.53 -27.95
CA ILE A 105 -19.85 -10.83 -28.63
C ILE A 105 -20.41 -10.68 -30.04
N SER A 106 -21.06 -9.55 -30.30
CA SER A 106 -21.52 -9.23 -31.64
C SER A 106 -20.32 -9.10 -32.58
N GLY A 107 -19.15 -8.84 -32.00
CA GLY A 107 -17.96 -8.56 -32.78
C GLY A 107 -17.10 -9.77 -33.08
N TYR A 108 -17.56 -10.96 -32.68
CA TYR A 108 -16.82 -12.18 -32.97
C TYR A 108 -17.52 -12.98 -34.05
N ARG A 109 -16.81 -13.94 -34.65
CA ARG A 109 -17.41 -14.72 -35.72
C ARG A 109 -18.04 -15.97 -35.17
N SER A 110 -19.14 -16.39 -35.78
CA SER A 110 -19.70 -17.70 -35.49
C SER A 110 -18.58 -18.73 -35.58
N GLY A 111 -18.53 -19.62 -34.60
CA GLY A 111 -17.53 -20.66 -34.59
C GLY A 111 -16.19 -20.21 -34.00
N ALA A 112 -16.16 -19.01 -33.44
CA ALA A 112 -14.95 -18.50 -32.81
C ALA A 112 -14.78 -19.07 -31.41
N VAL A 113 -13.54 -19.27 -31.00
CA VAL A 113 -13.25 -19.77 -29.66
C VAL A 113 -12.93 -18.59 -28.76
N VAL A 114 -13.65 -18.50 -27.64
CA VAL A 114 -13.44 -17.42 -26.70
C VAL A 114 -13.05 -18.02 -25.36
N ILE A 115 -11.86 -17.66 -24.87
CA ILE A 115 -11.33 -18.16 -23.61
C ILE A 115 -11.18 -17.02 -22.59
N ALA A 116 -11.82 -17.15 -21.43
CA ALA A 116 -11.71 -16.11 -20.42
C ALA A 116 -12.20 -16.56 -19.03
N ILE A 117 -12.04 -15.67 -18.05
CA ILE A 117 -12.70 -15.84 -16.77
C ILE A 117 -14.18 -15.48 -16.99
N ASP A 119 -16.99 -16.23 -15.40
CA ASP A 119 -17.90 -16.06 -14.29
C ASP A 119 -19.34 -16.47 -14.65
N PRO A 120 -19.53 -17.76 -15.00
CA PRO A 120 -20.79 -18.27 -15.54
C PRO A 120 -21.93 -18.37 -14.52
N TYR A 121 -21.57 -18.46 -13.25
CA TYR A 121 -22.45 -18.97 -12.20
C TYR A 121 -23.95 -18.59 -12.19
N GLY A 122 -24.27 -17.30 -12.16
CA GLY A 122 -25.67 -16.90 -12.21
C GLY A 122 -25.93 -16.14 -13.50
N ASN A 123 -25.08 -16.41 -14.49
CA ASN A 123 -25.07 -15.66 -15.73
C ASN A 123 -25.46 -16.54 -16.90
N GLU A 124 -26.67 -17.08 -16.84
CA GLU A 124 -27.12 -18.00 -17.87
C GLU A 124 -27.68 -17.27 -19.09
N GLU A 125 -28.16 -16.04 -18.89
CA GLU A 125 -28.64 -15.22 -19.99
C GLU A 125 -27.47 -14.95 -20.94
N ALA A 126 -26.35 -14.53 -20.37
CA ALA A 126 -25.14 -14.24 -21.13
C ALA A 126 -24.64 -15.50 -21.81
N ILE A 127 -24.61 -16.60 -21.06
CA ILE A 127 -24.20 -17.88 -21.61
C ILE A 127 -25.05 -18.23 -22.82
N SER A 128 -26.37 -18.09 -22.66
CA SER A 128 -27.27 -18.34 -23.76
C SER A 128 -26.95 -17.41 -24.92
N ALA A 129 -26.70 -16.14 -24.60
CA ALA A 129 -26.31 -15.16 -25.61
C ALA A 129 -25.17 -15.73 -26.43
N ALA A 131 -23.99 -18.74 -26.76
CA ALA A 131 -24.44 -19.85 -27.60
C ALA A 131 -25.11 -19.29 -28.85
N GLY A 132 -26.06 -18.38 -28.64
CA GLY A 132 -26.78 -17.74 -29.73
C GLY A 132 -25.87 -17.17 -30.79
N ALA A 133 -24.70 -16.71 -30.39
CA ALA A 133 -23.73 -16.14 -31.32
C ALA A 133 -22.87 -17.22 -31.96
N GLY A 134 -23.22 -18.48 -31.71
CA GLY A 134 -22.49 -19.60 -32.27
C GLY A 134 -21.03 -19.67 -31.83
N LEU A 135 -20.76 -19.12 -30.65
CA LEU A 135 -19.40 -19.13 -30.11
C LEU A 135 -19.11 -20.42 -29.36
N THR A 136 -17.85 -20.83 -29.40
CA THR A 136 -17.34 -21.91 -28.55
C THR A 136 -16.58 -21.28 -27.40
N THR A 137 -17.14 -21.35 -26.19
CA THR A 137 -16.54 -20.66 -25.05
C THR A 137 -16.02 -21.61 -23.97
N PHE A 138 -14.87 -21.25 -23.41
CA PHE A 138 -14.28 -21.99 -22.30
C PHE A 138 -14.09 -21.11 -21.07
N ALA A 139 -14.58 -21.58 -19.92
CA ALA A 139 -14.51 -20.84 -18.67
C ALA A 139 -13.33 -21.32 -17.81
N GLU A 141 -12.24 -20.54 -14.90
CA GLU A 141 -12.53 -20.84 -13.50
C GLU A 141 -12.94 -22.30 -13.32
N LEU A 142 -13.42 -22.90 -14.40
CA LEU A 142 -13.89 -24.29 -14.37
C LEU A 142 -12.77 -25.28 -14.55
N PRO A 144 -10.12 -27.94 -13.96
CA PRO A 144 -9.84 -28.95 -12.94
C PRO A 144 -8.66 -28.53 -12.09
N ARG A 145 -8.87 -28.56 -10.78
CA ARG A 145 -7.82 -28.14 -9.85
C ARG A 145 -7.15 -29.35 -9.21
N ILE A 146 -6.65 -30.24 -10.06
CA ILE A 146 -5.79 -31.32 -9.62
C ILE A 146 -4.35 -30.87 -9.83
N THR A 147 -3.44 -31.35 -8.99
CA THR A 147 -2.06 -30.88 -9.02
C THR A 147 -1.36 -31.01 -10.39
N ARG A 148 -1.87 -31.89 -11.26
CA ARG A 148 -1.26 -32.02 -12.58
C ARG A 148 -1.62 -30.89 -13.56
N ALA A 149 -2.62 -30.08 -13.21
CA ALA A 149 -3.04 -28.99 -14.10
C ALA A 149 -2.81 -27.59 -13.51
N GLN A 150 -1.99 -27.52 -12.45
CA GLN A 150 -1.78 -26.27 -11.71
C GLN A 150 -1.35 -25.07 -12.56
N SER A 151 -0.66 -25.33 -13.66
CA SER A 151 -0.13 -24.28 -14.52
C SER A 151 -1.22 -23.55 -15.31
N ASP A 153 -4.33 -23.02 -13.76
CA ASP A 153 -5.30 -22.64 -12.73
C ASP A 153 -5.31 -21.14 -12.49
N VAL A 154 -6.32 -20.47 -13.04
CA VAL A 154 -6.47 -19.02 -12.89
C VAL A 154 -6.84 -18.61 -11.46
N LEU A 155 -7.81 -19.30 -10.87
CA LEU A 155 -8.22 -19.01 -9.51
C LEU A 155 -7.01 -18.91 -8.57
N SER A 156 -6.11 -19.89 -8.67
CA SER A 156 -4.90 -19.90 -7.86
C SER A 156 -3.92 -18.78 -8.19
N SER A 157 -3.60 -18.64 -9.48
CA SER A 157 -2.61 -17.64 -9.89
C SER A 157 -3.02 -16.22 -9.47
N GLN A 158 -4.30 -15.90 -9.65
CA GLN A 158 -4.80 -14.59 -9.26
C GLN A 158 -4.90 -14.47 -7.73
N ALA A 159 -5.35 -15.54 -7.08
CA ALA A 159 -5.52 -15.51 -5.64
C ALA A 159 -4.17 -15.36 -4.93
N ASN A 160 -3.14 -15.90 -5.54
CA ASN A 160 -1.79 -15.80 -5.01
C ASN A 160 -1.37 -14.36 -4.95
N LEU A 161 -1.81 -13.57 -5.94
CA LEU A 161 -1.47 -12.16 -6.01
C LEU A 161 -2.36 -11.29 -5.13
N ALA A 162 -3.65 -11.60 -5.09
CA ALA A 162 -4.59 -10.90 -4.22
C ALA A 162 -4.12 -10.98 -2.76
N GLY A 163 -3.67 -12.15 -2.33
CA GLY A 163 -3.16 -12.32 -0.98
C GLY A 163 -2.02 -11.36 -0.64
N TYR A 164 -1.10 -11.20 -1.58
CA TYR A 164 -0.03 -10.22 -1.44
C TYR A 164 -0.60 -8.80 -1.40
N GLN A 165 -1.48 -8.49 -2.36
CA GLN A 165 -2.03 -7.16 -2.50
C GLN A 165 -2.82 -6.76 -1.27
N ALA A 166 -3.48 -7.73 -0.66
CA ALA A 166 -4.25 -7.48 0.55
C ALA A 166 -3.39 -6.93 1.71
N VAL A 167 -2.16 -7.43 1.83
CA VAL A 167 -1.26 -6.95 2.88
C VAL A 167 -0.73 -5.56 2.55
N ILE A 168 -0.41 -5.34 1.28
CA ILE A 168 -0.02 -4.01 0.81
C ILE A 168 -1.15 -3.01 1.09
N ASP A 169 -2.36 -3.35 0.69
CA ASP A 169 -3.50 -2.47 0.87
C ASP A 169 -3.77 -2.19 2.34
N ALA A 170 -3.61 -3.21 3.19
CA ALA A 170 -3.79 -3.02 4.62
C ALA A 170 -2.74 -2.05 5.16
N ALA A 171 -1.47 -2.38 4.95
CA ALA A 171 -0.37 -1.54 5.41
C ALA A 171 -0.55 -0.09 4.97
N TYR A 172 -1.21 0.09 3.84
CA TYR A 172 -1.47 1.41 3.29
C TYR A 172 -2.55 2.15 4.08
N GLU A 173 -3.62 1.45 4.45
CA GLU A 173 -4.76 2.04 5.14
C GLU A 173 -4.51 2.14 6.63
N TYR A 174 -3.46 1.46 7.08
CA TYR A 174 -3.11 1.42 8.49
C TYR A 174 -2.31 2.68 8.84
N ASP A 175 -2.57 3.24 10.02
CA ASP A 175 -1.87 4.44 10.48
C ASP A 175 -0.65 4.13 11.32
N ARG A 176 -0.26 2.86 11.36
CA ARG A 176 0.93 2.45 12.07
C ARG A 176 1.78 1.58 11.15
N ALA A 177 3.06 1.44 11.49
CA ALA A 177 3.95 0.61 10.69
C ALA A 177 3.71 -0.86 11.04
N LEU A 178 4.00 -1.74 10.10
CA LEU A 178 3.88 -3.18 10.35
C LEU A 178 5.05 -3.74 11.16
N PRO A 179 6.29 -3.49 10.70
CA PRO A 179 7.40 -4.02 11.50
C PRO A 179 7.45 -3.38 12.88
N THR A 183 14.03 2.63 17.94
CA THR A 183 14.61 3.92 17.59
C THR A 183 14.99 4.71 18.83
N ALA A 184 15.79 5.75 18.66
CA ALA A 184 16.19 6.62 19.77
C ALA A 184 14.97 7.11 20.55
N ALA A 185 13.91 7.43 19.81
CA ALA A 185 12.68 7.97 20.40
C ALA A 185 11.73 6.88 20.89
N GLY A 186 12.25 5.67 21.11
CA GLY A 186 11.41 4.59 21.58
C GLY A 186 11.17 3.55 20.50
N THR A 187 10.43 2.49 20.84
CA THR A 187 10.19 1.42 19.88
C THR A 187 8.70 1.26 19.54
N VAL A 188 8.38 1.25 18.25
CA VAL A 188 7.02 1.03 17.80
C VAL A 188 6.80 -0.46 17.53
N PRO A 189 5.70 -1.00 18.06
CA PRO A 189 5.46 -2.43 18.10
C PRO A 189 5.10 -3.00 16.74
N ALA A 190 5.43 -4.27 16.52
CA ALA A 190 4.98 -4.97 15.32
C ALA A 190 3.46 -5.03 15.34
N ALA A 191 2.84 -4.80 14.18
CA ALA A 191 1.40 -4.97 14.06
C ALA A 191 1.02 -6.44 14.24
N LYS A 192 -0.12 -6.66 14.87
CA LYS A 192 -0.68 -8.00 14.96
C LYS A 192 -1.66 -8.21 13.81
N ILE A 193 -1.25 -9.07 12.88
CA ILE A 193 -2.05 -9.37 11.70
C ILE A 193 -2.61 -10.79 11.76
N PHE A 194 -3.88 -10.91 11.40
CA PHE A 194 -4.62 -12.18 11.49
C PHE A 194 -5.29 -12.49 10.16
N VAL A 195 -5.00 -13.66 9.60
CA VAL A 195 -5.54 -14.04 8.30
C VAL A 195 -6.52 -15.19 8.43
N GLY A 197 -8.65 -17.99 6.52
CA GLY A 197 -8.67 -18.73 5.27
C GLY A 197 -7.25 -18.97 4.80
N ALA A 198 -6.82 -20.22 4.78
CA ALA A 198 -5.43 -20.56 4.50
C ALA A 198 -5.22 -21.21 3.13
N GLY A 199 -6.05 -20.85 2.16
CA GLY A 199 -5.82 -21.26 0.79
C GLY A 199 -4.68 -20.50 0.14
N VAL A 200 -4.69 -20.43 -1.19
CA VAL A 200 -3.66 -19.73 -1.95
C VAL A 200 -3.45 -18.31 -1.44
N ALA A 201 -4.55 -17.54 -1.45
CA ALA A 201 -4.51 -16.14 -1.02
C ALA A 201 -3.98 -15.99 0.42
N GLY A 202 -4.51 -16.81 1.32
CA GLY A 202 -4.17 -16.73 2.74
C GLY A 202 -2.71 -17.00 3.03
N LEU A 203 -2.18 -18.06 2.43
CA LEU A 203 -0.75 -18.37 2.51
C LEU A 203 0.06 -17.12 2.17
N GLN A 204 -0.17 -16.60 0.98
CA GLN A 204 0.61 -15.46 0.49
C GLN A 204 0.46 -14.24 1.40
N ALA A 205 -0.76 -14.00 1.87
CA ALA A 205 -0.99 -12.91 2.80
C ALA A 205 -0.11 -13.09 4.05
N ILE A 206 -0.14 -14.30 4.60
CA ILE A 206 0.64 -14.60 5.81
C ILE A 206 2.12 -14.40 5.59
N ALA A 207 2.60 -14.78 4.40
CA ALA A 207 4.01 -14.67 4.07
C ALA A 207 4.40 -13.22 3.88
N THR A 208 3.59 -12.49 3.14
CA THR A 208 3.81 -11.07 2.94
C THR A 208 3.76 -10.32 4.29
N ALA A 209 2.79 -10.67 5.13
CA ALA A 209 2.73 -10.10 6.47
C ALA A 209 4.00 -10.41 7.26
N ARG A 210 4.46 -11.65 7.17
CA ARG A 210 5.57 -12.12 7.98
C ARG A 210 6.90 -11.44 7.63
N ARG A 211 7.13 -11.19 6.35
CA ARG A 211 8.34 -10.51 5.91
C ARG A 211 8.35 -9.03 6.30
N LEU A 212 7.19 -8.38 6.26
CA LEU A 212 7.08 -7.01 6.75
C LEU A 212 7.23 -6.97 8.28
N GLY A 213 7.36 -8.14 8.89
CA GLY A 213 7.71 -8.24 10.30
C GLY A 213 6.54 -8.24 11.27
N ALA A 214 5.35 -8.54 10.77
CA ALA A 214 4.16 -8.56 11.63
C ALA A 214 4.08 -9.81 12.49
N VAL A 215 3.46 -9.66 13.66
CA VAL A 215 3.09 -10.81 14.47
C VAL A 215 1.86 -11.41 13.80
N VAL A 216 2.01 -12.60 13.24
CA VAL A 216 1.01 -13.14 12.32
C VAL A 216 0.36 -14.43 12.82
N SER A 217 -0.97 -14.44 12.81
CA SER A 217 -1.78 -15.58 13.20
C SER A 217 -2.77 -15.88 12.10
N ALA A 218 -3.38 -17.06 12.13
CA ALA A 218 -4.23 -17.46 11.02
C ALA A 218 -5.20 -18.54 11.44
N THR A 219 -6.29 -18.68 10.67
CA THR A 219 -7.29 -19.71 10.94
C THR A 219 -7.87 -20.31 9.66
N ASP A 220 -8.26 -21.57 9.73
CA ASP A 220 -8.90 -22.22 8.59
C ASP A 220 -9.77 -23.39 9.05
N VAL A 221 -10.90 -23.58 8.37
CA VAL A 221 -11.82 -24.65 8.75
C VAL A 221 -11.21 -26.04 8.59
N ARG A 222 -10.21 -26.16 7.72
CA ARG A 222 -9.44 -27.40 7.56
C ARG A 222 -8.29 -27.40 8.55
N PRO A 223 -8.27 -28.36 9.48
CA PRO A 223 -7.13 -28.49 10.39
C PRO A 223 -5.85 -28.95 9.70
N ALA A 224 -5.95 -29.36 8.44
CA ALA A 224 -4.77 -29.71 7.67
C ALA A 224 -4.00 -28.45 7.28
N ALA A 225 -4.69 -27.32 7.34
CA ALA A 225 -4.09 -26.03 7.03
C ALA A 225 -3.10 -25.64 8.12
N LYS A 226 -3.33 -26.16 9.33
CA LYS A 226 -2.48 -25.82 10.46
C LYS A 226 -1.01 -26.07 10.11
N GLU A 227 -0.76 -27.21 9.49
CA GLU A 227 0.61 -27.60 9.14
C GLU A 227 1.28 -26.56 8.23
N GLN A 228 0.53 -26.06 7.27
CA GLN A 228 1.05 -25.09 6.31
C GLN A 228 1.19 -23.69 6.92
N VAL A 229 0.18 -23.28 7.67
CA VAL A 229 0.22 -22.01 8.37
C VAL A 229 1.43 -21.97 9.30
N ALA A 230 1.62 -23.05 10.06
CA ALA A 230 2.71 -23.13 11.04
C ALA A 230 4.07 -23.06 10.36
N SER A 231 4.18 -23.68 9.19
CA SER A 231 5.44 -23.73 8.47
C SER A 231 5.83 -22.37 7.89
N LEU A 232 4.90 -21.43 7.91
CA LEU A 232 5.20 -20.06 7.49
C LEU A 232 5.61 -19.22 8.70
N GLY A 233 5.71 -19.87 9.86
CA GLY A 233 6.07 -19.20 11.09
C GLY A 233 4.88 -18.49 11.72
N ALA A 234 3.69 -18.84 11.27
CA ALA A 234 2.48 -18.21 11.79
C ALA A 234 1.74 -19.13 12.76
N LYS A 235 0.86 -18.53 13.55
CA LYS A 235 0.15 -19.24 14.60
C LYS A 235 -1.24 -19.64 14.13
N PHE A 236 -1.49 -20.95 14.10
CA PHE A 236 -2.82 -21.45 13.77
C PHE A 236 -3.73 -21.24 14.98
N ILE A 237 -4.86 -20.57 14.75
CA ILE A 237 -5.80 -20.28 15.81
C ILE A 237 -6.95 -21.28 15.78
N ALA A 238 -7.04 -22.12 16.81
CA ALA A 238 -8.07 -23.14 16.88
C ALA A 238 -8.18 -23.79 18.26
N VAL A 239 -9.40 -24.17 18.63
CA VAL A 239 -9.63 -24.98 19.81
C VAL A 239 -9.19 -26.39 19.47
N GLU A 240 -8.27 -26.96 20.23
CA GLU A 240 -7.70 -28.27 19.90
C GLU A 240 -8.31 -29.51 20.66
N ASP A 241 -8.92 -30.46 19.95
CA ASP A 241 -9.66 -31.60 20.55
C ASP A 241 -9.54 -33.00 19.95
N GLY A 259 -20.52 -28.87 14.89
CA GLY A 259 -21.51 -28.27 15.78
C GLY A 259 -20.95 -27.92 17.14
N GLU A 260 -20.45 -28.93 17.85
CA GLU A 260 -19.81 -28.72 19.14
C GLU A 260 -18.64 -27.75 19.00
N TYR A 261 -17.63 -28.17 18.23
CA TYR A 261 -16.42 -27.38 18.04
C TYR A 261 -16.73 -26.01 17.47
N GLN A 262 -17.59 -26.00 16.45
CA GLN A 262 -17.95 -24.78 15.75
C GLN A 262 -18.32 -23.66 16.73
N VAL A 263 -19.19 -23.97 17.68
CA VAL A 263 -19.63 -23.00 18.67
C VAL A 263 -18.48 -22.44 19.49
N LYS A 264 -17.67 -23.33 20.03
CA LYS A 264 -16.55 -22.90 20.85
C LYS A 264 -15.38 -22.33 20.04
N GLN A 265 -15.33 -22.68 18.77
CA GLN A 265 -14.38 -22.03 17.88
C GLN A 265 -14.74 -20.57 17.78
N ALA A 266 -15.96 -20.31 17.33
CA ALA A 266 -16.46 -18.95 17.16
C ALA A 266 -16.06 -18.05 18.32
N ALA A 267 -15.99 -18.63 19.52
CA ALA A 267 -15.73 -17.86 20.72
C ALA A 267 -14.24 -17.56 20.88
N LEU A 268 -13.40 -18.50 20.48
CA LEU A 268 -11.96 -18.29 20.51
C LEU A 268 -11.57 -17.20 19.52
N VAL A 269 -12.19 -17.24 18.34
CA VAL A 269 -11.96 -16.26 17.29
C VAL A 269 -12.41 -14.85 17.68
N ALA A 270 -13.64 -14.73 18.15
CA ALA A 270 -14.17 -13.45 18.60
C ALA A 270 -13.25 -12.84 19.65
N GLU A 271 -12.62 -13.71 20.43
CA GLU A 271 -11.73 -13.32 21.50
C GLU A 271 -10.38 -12.88 20.93
N HIS A 272 -9.84 -13.70 20.03
CA HIS A 272 -8.58 -13.42 19.38
C HIS A 272 -8.63 -12.12 18.56
N ILE A 273 -9.77 -11.90 17.92
CA ILE A 273 -9.96 -10.78 17.01
C ILE A 273 -9.89 -9.41 17.67
N ALA A 274 -10.51 -9.28 18.83
CA ALA A 274 -10.54 -8.01 19.55
C ALA A 274 -9.13 -7.49 19.77
N LYS A 275 -8.19 -8.43 19.85
CA LYS A 275 -6.81 -8.14 20.20
C LYS A 275 -5.94 -7.86 18.97
N GLN A 276 -6.52 -8.01 17.78
CA GLN A 276 -5.76 -7.85 16.54
C GLN A 276 -5.80 -6.43 15.96
N ASP A 277 -4.74 -6.09 15.22
CA ASP A 277 -4.63 -4.81 14.54
C ASP A 277 -5.20 -4.89 13.13
N ILE A 278 -4.90 -5.99 12.44
CA ILE A 278 -5.32 -6.18 11.06
C ILE A 278 -5.93 -7.56 10.83
N VAL A 279 -7.00 -7.61 10.06
CA VAL A 279 -7.61 -8.87 9.67
C VAL A 279 -7.78 -8.94 8.16
N ILE A 280 -7.44 -10.09 7.60
CA ILE A 280 -7.57 -10.34 6.18
C ILE A 280 -8.37 -11.61 5.94
N THR A 281 -9.57 -11.47 5.40
CA THR A 281 -10.39 -12.62 5.07
C THR A 281 -10.19 -13.00 3.62
N THR A 282 -10.04 -14.29 3.37
CA THR A 282 -9.67 -14.79 2.05
C THR A 282 -10.63 -15.88 1.56
N ALA A 283 -11.73 -16.07 2.29
CA ALA A 283 -12.64 -17.16 1.99
C ALA A 283 -13.67 -16.80 0.92
N LEU A 284 -13.21 -16.71 -0.31
CA LEU A 284 -14.09 -16.50 -1.41
C LEU A 284 -14.26 -17.82 -2.02
N ILE A 285 -15.47 -18.34 -1.97
CA ILE A 285 -15.78 -19.61 -2.55
C ILE A 285 -16.44 -19.32 -3.84
N PRO A 286 -15.95 -19.93 -4.88
CA PRO A 286 -16.42 -19.63 -6.21
C PRO A 286 -17.68 -20.40 -6.48
N GLY A 287 -18.63 -19.75 -7.11
CA GLY A 287 -19.96 -20.26 -7.27
C GLY A 287 -20.82 -19.89 -6.10
N ARG A 288 -20.23 -19.81 -4.92
CA ARG A 288 -20.98 -19.65 -3.70
C ARG A 288 -20.98 -18.29 -3.09
N PRO A 289 -21.95 -18.08 -2.24
CA PRO A 289 -21.98 -16.92 -1.38
C PRO A 289 -20.76 -16.94 -0.49
N ALA A 290 -20.29 -15.78 -0.12
CA ALA A 290 -19.16 -15.72 0.80
C ALA A 290 -19.67 -15.90 2.23
N PRO A 291 -18.99 -16.76 3.01
CA PRO A 291 -19.35 -16.96 4.42
C PRO A 291 -19.10 -15.69 5.21
N ARG A 292 -20.02 -15.36 6.13
CA ARG A 292 -19.74 -14.28 7.06
C ARG A 292 -18.81 -14.82 8.12
N LEU A 293 -17.61 -14.27 8.17
CA LEU A 293 -16.62 -14.70 9.15
C LEU A 293 -16.50 -13.68 10.27
N VAL A 294 -16.81 -12.44 9.96
CA VAL A 294 -16.70 -11.36 10.92
C VAL A 294 -17.95 -10.49 10.97
N THR A 295 -18.44 -10.25 12.18
CA THR A 295 -19.62 -9.41 12.37
C THR A 295 -19.27 -8.02 12.90
N ARG A 296 -20.19 -7.09 12.67
CA ARG A 296 -20.09 -5.74 13.20
C ARG A 296 -19.68 -5.79 14.66
N GLU A 297 -20.22 -6.79 15.35
CA GLU A 297 -19.97 -6.99 16.77
C GLU A 297 -18.52 -7.37 17.07
N LEU A 299 -15.99 -6.69 14.90
CA LEU A 299 -15.34 -5.45 14.51
C LEU A 299 -15.33 -4.49 15.69
N ASP A 300 -16.50 -4.32 16.28
CA ASP A 300 -16.71 -3.36 17.35
C ASP A 300 -15.83 -3.67 18.58
N SER A 301 -15.24 -4.85 18.61
CA SER A 301 -14.38 -5.21 19.74
C SER A 301 -12.93 -4.77 19.50
N LYS A 303 -9.75 -2.30 18.67
CA LYS A 303 -9.33 -0.95 18.94
C LYS A 303 -9.49 -0.09 17.69
N PRO A 304 -9.75 1.21 17.87
CA PRO A 304 -9.70 2.12 16.73
C PRO A 304 -8.30 2.12 16.09
N GLY A 305 -8.25 2.30 14.78
CA GLY A 305 -6.98 2.26 14.07
C GLY A 305 -6.74 0.91 13.44
N SER A 306 -7.49 -0.10 13.85
CA SER A 306 -7.34 -1.40 13.19
C SER A 306 -7.96 -1.43 11.78
N VAL A 307 -7.50 -2.36 10.96
CA VAL A 307 -7.84 -2.38 9.55
C VAL A 307 -8.22 -3.80 9.15
N VAL A 308 -9.24 -3.93 8.30
CA VAL A 308 -9.64 -5.25 7.85
C VAL A 308 -9.85 -5.27 6.35
N VAL A 309 -9.42 -6.37 5.72
CA VAL A 309 -9.55 -6.51 4.28
C VAL A 309 -10.49 -7.67 3.97
N ASP A 310 -11.47 -7.40 3.09
CA ASP A 310 -12.44 -8.42 2.71
C ASP A 310 -12.21 -8.86 1.27
N LEU A 311 -11.42 -9.91 1.09
CA LEU A 311 -11.12 -10.39 -0.25
C LEU A 311 -12.34 -11.03 -0.91
N ALA A 312 -13.40 -11.23 -0.13
CA ALA A 312 -14.59 -11.91 -0.64
C ALA A 312 -15.77 -10.97 -0.88
N VAL A 313 -15.49 -9.67 -0.85
CA VAL A 313 -16.53 -8.63 -0.98
C VAL A 313 -17.41 -8.75 -2.24
N GLU A 314 -16.85 -9.26 -3.32
CA GLU A 314 -17.61 -9.36 -4.56
C GLU A 314 -18.57 -10.55 -4.57
N ARG A 315 -18.48 -11.37 -3.53
CA ARG A 315 -19.33 -12.54 -3.38
C ARG A 315 -20.21 -12.44 -2.13
N GLY A 316 -20.43 -11.22 -1.66
CA GLY A 316 -21.23 -11.02 -0.45
C GLY A 316 -20.41 -10.52 0.72
N GLY A 317 -19.14 -10.95 0.79
CA GLY A 317 -18.23 -10.52 1.83
C GLY A 317 -18.06 -11.49 2.99
N ASN A 318 -16.83 -11.62 3.47
CA ASN A 318 -16.59 -12.34 4.72
C ASN A 318 -16.86 -11.39 5.88
N ILE A 319 -16.77 -10.09 5.57
CA ILE A 319 -16.87 -9.04 6.56
C ILE A 319 -18.17 -8.23 6.40
N GLU A 320 -18.96 -8.22 7.47
CA GLU A 320 -20.32 -7.69 7.46
C GLU A 320 -20.50 -6.28 6.88
N GLY A 321 -19.60 -5.35 7.19
CA GLY A 321 -19.78 -3.98 6.76
C GLY A 321 -19.04 -3.60 5.49
N ALA A 322 -18.64 -4.61 4.73
CA ALA A 322 -17.83 -4.36 3.54
C ALA A 322 -18.66 -3.90 2.34
N GLU A 323 -18.15 -2.93 1.61
CA GLU A 323 -18.82 -2.40 0.43
C GLU A 323 -17.96 -2.52 -0.83
N ALA A 324 -18.50 -3.16 -1.85
CA ALA A 324 -17.76 -3.39 -3.09
C ALA A 324 -17.03 -2.14 -3.57
N GLY A 325 -15.74 -2.29 -3.79
CA GLY A 325 -14.92 -1.20 -4.30
C GLY A 325 -14.88 0.01 -3.38
N LYS A 326 -15.02 -0.21 -2.08
CA LYS A 326 -14.96 0.89 -1.14
C LYS A 326 -14.15 0.60 0.11
N VAL A 327 -13.52 1.63 0.66
CA VAL A 327 -12.94 1.56 1.98
C VAL A 327 -13.86 2.36 2.90
N THR A 328 -14.59 1.66 3.75
CA THR A 328 -15.45 2.33 4.71
C THR A 328 -14.82 2.26 6.09
N GLU A 329 -15.13 3.24 6.93
CA GLU A 329 -14.63 3.22 8.29
C GLU A 329 -15.79 3.21 9.28
N VAL A 330 -15.63 2.43 10.33
CA VAL A 330 -16.70 2.24 11.30
C VAL A 330 -16.07 1.97 12.66
N GLY A 331 -16.31 2.88 13.61
CA GLY A 331 -15.71 2.78 14.93
C GLY A 331 -14.18 2.84 14.91
N GLY A 332 -13.65 3.65 14.00
CA GLY A 332 -12.21 3.79 13.87
C GLY A 332 -11.56 2.62 13.16
N VAL A 333 -12.40 1.72 12.64
CA VAL A 333 -11.93 0.55 11.91
C VAL A 333 -12.13 0.72 10.40
N ARG A 334 -11.03 0.55 9.65
CA ARG A 334 -11.10 0.65 8.19
C ARG A 334 -11.52 -0.70 7.62
N ILE A 335 -12.54 -0.65 6.76
CA ILE A 335 -13.04 -1.83 6.09
C ILE A 335 -12.69 -1.73 4.61
N VAL A 336 -11.79 -2.59 4.15
CA VAL A 336 -11.26 -2.53 2.80
C VAL A 336 -11.92 -3.59 1.92
N GLY A 337 -12.64 -3.13 0.89
CA GLY A 337 -13.35 -4.02 -0.01
C GLY A 337 -13.17 -3.69 -1.48
N HIS A 338 -11.91 -3.60 -1.91
CA HIS A 338 -11.60 -3.32 -3.31
C HIS A 338 -12.08 -4.43 -4.25
N LEU A 339 -12.50 -4.03 -5.43
CA LEU A 339 -12.88 -4.98 -6.47
C LEU A 339 -11.63 -5.45 -7.18
N ASN A 340 -11.70 -6.63 -7.77
CA ASN A 340 -10.62 -7.10 -8.64
C ASN A 340 -9.23 -6.87 -8.02
N VAL A 341 -8.99 -7.49 -6.86
CA VAL A 341 -7.79 -7.17 -6.09
C VAL A 341 -6.48 -7.50 -6.80
N ALA A 342 -6.44 -8.62 -7.51
CA ALA A 342 -5.23 -9.00 -8.21
C ALA A 342 -4.93 -7.98 -9.30
N GLY A 343 -5.98 -7.38 -9.86
CA GLY A 343 -5.84 -6.34 -10.85
C GLY A 343 -5.18 -5.09 -10.31
N ARG A 344 -4.99 -5.04 -8.99
CA ARG A 344 -4.29 -3.91 -8.37
C ARG A 344 -2.77 -4.00 -8.56
N ILE A 345 -2.30 -5.16 -9.02
CA ILE A 345 -0.98 -5.29 -9.60
C ILE A 345 -1.16 -5.95 -10.96
N ALA A 346 -1.84 -5.23 -11.85
CA ALA A 346 -2.26 -5.76 -13.14
C ALA A 346 -1.11 -6.33 -13.96
N ALA A 347 0.03 -5.64 -13.95
CA ALA A 347 1.21 -6.12 -14.66
C ALA A 347 1.55 -7.55 -14.27
N SER A 348 1.63 -7.81 -12.97
CA SER A 348 1.93 -9.16 -12.50
C SER A 348 0.79 -10.12 -12.80
N ALA A 349 -0.44 -9.69 -12.53
CA ALA A 349 -1.61 -10.55 -12.71
C ALA A 349 -1.73 -11.02 -14.15
N SER A 350 -1.54 -10.09 -15.08
CA SER A 350 -1.61 -10.38 -16.50
C SER A 350 -0.49 -11.35 -16.88
N LEU A 351 0.68 -11.12 -16.29
CA LEU A 351 1.83 -11.99 -16.50
C LEU A 351 1.50 -13.45 -16.25
N LEU A 352 0.87 -13.71 -15.10
CA LEU A 352 0.50 -15.06 -14.72
C LEU A 352 -0.70 -15.56 -15.52
N TYR A 353 -1.71 -14.71 -15.64
CA TYR A 353 -2.94 -15.10 -16.31
C TYR A 353 -2.67 -15.50 -17.77
N ALA A 354 -1.94 -14.67 -18.49
CA ALA A 354 -1.60 -14.98 -19.87
C ALA A 354 -0.90 -16.33 -19.98
N LYS A 355 -0.12 -16.67 -18.97
CA LYS A 355 0.56 -17.97 -18.96
C LYS A 355 -0.47 -19.11 -18.86
N ASN A 356 -1.45 -18.94 -18.00
CA ASN A 356 -2.55 -19.90 -17.87
C ASN A 356 -3.21 -20.11 -19.22
N LEU A 357 -3.64 -19.01 -19.82
CA LEU A 357 -4.36 -19.09 -21.08
C LEU A 357 -3.65 -19.95 -22.12
N VAL A 358 -2.40 -19.60 -22.42
CA VAL A 358 -1.70 -20.24 -23.52
C VAL A 358 -1.33 -21.69 -23.22
N THR A 359 -1.11 -22.01 -21.96
CA THR A 359 -0.83 -23.39 -21.58
C THR A 359 -2.07 -24.26 -21.80
N PHE A 360 -3.24 -23.69 -21.48
CA PHE A 360 -4.49 -24.38 -21.73
C PHE A 360 -4.67 -24.54 -23.22
N LEU A 361 -4.45 -23.44 -23.94
CA LEU A 361 -4.69 -23.42 -25.38
C LEU A 361 -3.89 -24.49 -26.11
N GLU A 362 -2.64 -24.66 -25.69
CA GLU A 362 -1.74 -25.60 -26.34
C GLU A 362 -2.30 -27.02 -26.32
N THR A 363 -3.03 -27.36 -25.26
CA THR A 363 -3.61 -28.68 -25.13
C THR A 363 -4.60 -28.94 -26.26
N VAL A 365 -4.06 -27.93 -29.46
CA VAL A 365 -3.38 -27.80 -30.74
C VAL A 365 -2.79 -29.11 -31.26
N ALA A 371 -1.77 -27.92 -35.76
CA ALA A 371 -2.79 -26.89 -35.75
C ALA A 371 -3.88 -27.16 -34.72
N LEU A 372 -4.91 -26.33 -34.74
CA LEU A 372 -6.01 -26.40 -33.78
C LEU A 372 -6.87 -27.62 -34.05
N ALA A 373 -7.00 -28.48 -33.03
CA ALA A 373 -7.84 -29.66 -33.14
C ALA A 373 -8.87 -29.68 -32.01
N LEU A 374 -9.95 -28.94 -32.20
CA LEU A 374 -10.98 -28.81 -31.18
C LEU A 374 -11.68 -30.16 -30.93
N ASN A 375 -11.59 -30.65 -29.70
CA ASN A 375 -12.21 -31.94 -29.39
C ASN A 375 -13.09 -31.88 -28.15
N GLU A 377 -14.83 -33.85 -26.62
CA GLU A 377 -14.82 -34.98 -25.70
C GLU A 377 -13.55 -34.95 -24.86
N ASP A 378 -12.62 -34.08 -25.24
CA ASP A 378 -11.38 -33.94 -24.48
C ASP A 378 -11.69 -33.57 -23.04
N GLU A 379 -10.85 -34.03 -22.12
CA GLU A 379 -11.16 -33.92 -20.69
C GLU A 379 -11.14 -32.48 -20.17
N LEU A 380 -10.16 -31.69 -20.61
CA LEU A 380 -10.07 -30.29 -20.22
C LEU A 380 -11.19 -29.50 -20.88
N VAL A 381 -11.42 -29.79 -22.16
CA VAL A 381 -12.46 -29.14 -22.93
C VAL A 381 -13.82 -29.40 -22.31
N LYS A 382 -14.11 -30.67 -22.05
CA LYS A 382 -15.41 -31.04 -21.51
C LYS A 382 -15.68 -30.38 -20.16
N ALA A 383 -14.61 -30.10 -19.41
CA ALA A 383 -14.76 -29.53 -18.08
C ALA A 383 -15.05 -28.03 -18.13
N THR A 384 -14.42 -27.33 -19.07
CA THR A 384 -14.56 -25.89 -19.13
C THR A 384 -15.46 -25.42 -20.27
N ALA A 385 -15.65 -26.27 -21.28
CA ALA A 385 -16.48 -25.90 -22.42
C ALA A 385 -17.85 -25.52 -21.90
N LEU A 386 -18.32 -24.36 -22.31
CA LEU A 386 -19.53 -23.79 -21.76
C LEU A 386 -20.65 -23.68 -22.80
N THR A 387 -20.29 -23.22 -24.01
CA THR A 387 -21.21 -23.26 -25.14
C THR A 387 -20.46 -23.76 -26.36
N HIS A 388 -21.20 -24.32 -27.32
CA HIS A 388 -20.59 -24.78 -28.56
C HIS A 388 -21.63 -25.09 -29.62
N GLY A 389 -21.28 -24.83 -30.88
CA GLY A 389 -22.15 -25.13 -32.00
C GLY A 389 -23.55 -24.55 -31.89
N GLY A 390 -23.67 -23.39 -31.24
CA GLY A 390 -24.96 -22.75 -31.10
C GLY A 390 -25.71 -23.26 -29.90
N ALA A 391 -25.12 -24.23 -29.20
CA ALA A 391 -25.76 -24.80 -28.02
C ALA A 391 -25.01 -24.40 -26.76
N VAL A 392 -25.74 -24.40 -25.64
CA VAL A 392 -25.13 -24.39 -24.32
C VAL A 392 -24.91 -25.85 -23.96
N VAL A 393 -23.65 -26.22 -23.71
CA VAL A 393 -23.27 -27.62 -23.60
C VAL A 393 -23.13 -28.10 -22.15
N GLU B 26 1.90 23.89 36.42
CA GLU B 26 1.81 24.53 35.13
C GLU B 26 1.03 23.69 34.17
N ILE B 27 0.39 24.36 33.23
CA ILE B 27 -0.56 23.73 32.36
C ILE B 27 -0.04 23.49 30.98
N VAL B 28 -0.22 22.28 30.51
CA VAL B 28 0.17 21.91 29.17
C VAL B 28 -1.05 21.69 28.30
N PHE B 29 -1.10 22.41 27.18
CA PHE B 29 -2.20 22.30 26.23
C PHE B 29 -1.72 21.51 25.02
N ILE B 30 -2.47 20.49 24.63
CA ILE B 30 -2.14 19.77 23.40
C ILE B 30 -3.13 20.10 22.30
N ALA B 31 -2.67 20.89 21.34
CA ALA B 31 -3.52 21.42 20.29
C ALA B 31 -3.97 20.39 19.25
N LYS B 32 -5.21 20.53 18.81
CA LYS B 32 -5.66 19.86 17.59
C LYS B 32 -5.04 20.58 16.40
N GLU B 33 -4.34 19.85 15.54
CA GLU B 33 -3.79 20.44 14.33
C GLU B 33 -4.90 20.91 13.39
N SER B 34 -4.73 22.11 12.83
CA SER B 34 -5.79 22.75 12.05
C SER B 34 -5.52 22.61 10.55
N ASP B 35 -4.36 22.08 10.21
CA ASP B 35 -3.94 21.93 8.83
C ASP B 35 -4.59 20.68 8.21
N PRO B 36 -5.24 20.86 7.06
CA PRO B 36 -6.02 19.81 6.38
C PRO B 36 -5.23 18.52 6.15
N ASN B 37 -3.91 18.60 6.16
CA ASN B 37 -3.10 17.43 5.83
C ASN B 37 -2.26 16.98 7.00
N GLU B 38 -2.76 17.21 8.21
CA GLU B 38 -2.02 16.86 9.41
C GLU B 38 -2.84 16.00 10.38
N GLY B 39 -2.57 14.70 10.37
CA GLY B 39 -3.24 13.77 11.27
C GLY B 39 -2.41 13.38 12.49
N ARG B 40 -1.25 14.02 12.64
CA ARG B 40 -0.41 13.79 13.82
C ARG B 40 -0.83 14.72 14.94
N VAL B 41 -0.53 14.31 16.17
CA VAL B 41 -0.77 15.15 17.33
C VAL B 41 0.44 15.12 18.24
N ALA B 42 0.62 16.16 19.04
CA ALA B 42 1.83 16.35 19.82
C ALA B 42 1.78 15.63 21.15
N GLY B 43 0.61 15.10 21.49
CA GLY B 43 0.45 14.37 22.73
C GLY B 43 -0.09 12.97 22.52
N SER B 44 0.49 12.00 23.21
CA SER B 44 0.03 10.62 23.13
C SER B 44 -0.33 10.17 24.53
N VAL B 45 -0.96 9.00 24.65
CA VAL B 45 -1.33 8.49 25.95
C VAL B 45 -0.12 8.36 26.86
N GLU B 46 0.93 7.69 26.38
CA GLU B 46 2.14 7.59 27.17
C GLU B 46 2.69 8.97 27.50
N SER B 47 2.80 9.83 26.49
CA SER B 47 3.41 11.14 26.67
C SER B 47 2.63 11.98 27.67
N VAL B 48 1.31 11.87 27.64
CA VAL B 48 0.47 12.57 28.61
C VAL B 48 0.71 12.06 30.03
N LYS B 49 0.86 10.74 30.17
CA LYS B 49 1.26 10.17 31.45
C LYS B 49 2.58 10.79 31.94
N LYS B 50 3.57 10.87 31.05
CA LYS B 50 4.87 11.43 31.40
C LYS B 50 4.77 12.89 31.82
N LEU B 51 4.01 13.67 31.05
CA LEU B 51 3.79 15.07 31.33
C LEU B 51 3.22 15.26 32.73
N LYS B 52 2.18 14.48 33.05
CA LYS B 52 1.59 14.57 34.38
C LYS B 52 2.65 14.23 35.42
N SER B 53 3.56 13.33 35.06
CA SER B 53 4.59 12.87 35.99
C SER B 53 5.70 13.89 36.16
N LEU B 54 5.82 14.80 35.21
CA LEU B 54 6.82 15.85 35.31
C LEU B 54 6.24 17.08 35.96
N GLY B 55 5.03 16.97 36.48
CA GLY B 55 4.40 18.06 37.21
C GLY B 55 3.43 18.92 36.41
N PHE B 56 2.97 18.42 35.26
CA PHE B 56 2.08 19.20 34.43
C PHE B 56 0.66 18.66 34.38
N ASP B 57 -0.30 19.54 34.63
CA ASP B 57 -1.69 19.21 34.35
C ASP B 57 -1.86 19.39 32.85
N VAL B 58 -2.56 18.46 32.21
CA VAL B 58 -2.66 18.46 30.76
C VAL B 58 -4.09 18.69 30.27
N VAL B 59 -4.21 19.57 29.29
CA VAL B 59 -5.47 19.82 28.60
C VAL B 59 -5.36 19.46 27.12
N VAL B 60 -6.12 18.45 26.69
CA VAL B 60 -6.15 18.12 25.27
C VAL B 60 -7.37 18.73 24.59
N GLU B 61 -7.14 19.41 23.48
CA GLU B 61 -8.24 19.96 22.70
C GLU B 61 -9.05 18.81 22.10
N ALA B 62 -10.37 18.87 22.26
CA ALA B 62 -11.26 17.82 21.78
C ALA B 62 -11.03 17.50 20.29
N GLY B 63 -10.63 16.26 20.02
CA GLY B 63 -10.45 15.81 18.64
C GLY B 63 -9.00 15.72 18.20
N ALA B 64 -8.07 16.11 19.06
CA ALA B 64 -6.66 16.22 18.69
C ALA B 64 -6.00 14.92 18.24
N GLY B 65 -6.38 13.79 18.85
CA GLY B 65 -5.78 12.50 18.54
C GLY B 65 -6.52 11.72 17.46
N LEU B 66 -7.55 12.34 16.91
CA LEU B 66 -8.45 11.72 15.95
C LEU B 66 -7.73 11.03 14.80
N GLY B 67 -7.05 11.83 13.99
CA GLY B 67 -6.28 11.32 12.86
C GLY B 67 -5.20 10.34 13.28
N SER B 68 -4.87 10.33 14.57
CA SER B 68 -3.81 9.47 15.06
C SER B 68 -4.35 8.30 15.86
N ARG B 69 -5.67 8.15 15.85
CA ARG B 69 -6.34 6.99 16.45
C ARG B 69 -6.30 7.03 17.96
N ILE B 70 -6.39 8.24 18.50
CA ILE B 70 -6.52 8.41 19.94
C ILE B 70 -7.80 9.16 20.26
N PRO B 71 -8.86 8.43 20.62
CA PRO B 71 -10.14 9.04 20.99
C PRO B 71 -9.98 9.96 22.21
N ASP B 72 -10.81 10.99 22.30
CA ASP B 72 -10.82 11.87 23.46
C ASP B 72 -10.80 11.06 24.75
N GLN B 73 -11.63 10.02 24.79
CA GLN B 73 -11.81 9.22 25.99
C GLN B 73 -10.52 8.56 26.47
N GLU B 74 -9.67 8.14 25.53
CA GLU B 74 -8.42 7.51 25.92
C GLU B 74 -7.49 8.56 26.55
N TYR B 75 -7.60 9.80 26.06
CA TYR B 75 -6.86 10.91 26.65
C TYR B 75 -7.27 11.22 28.11
N GLU B 76 -8.58 11.24 28.36
CA GLU B 76 -9.12 11.49 29.71
C GLU B 76 -8.63 10.40 30.64
N LYS B 77 -8.70 9.18 30.16
CA LYS B 77 -8.36 7.99 30.92
C LYS B 77 -6.88 8.00 31.30
N ALA B 78 -6.13 8.89 30.66
CA ALA B 78 -4.69 9.02 30.88
C ALA B 78 -4.39 10.17 31.83
N GLY B 79 -5.41 10.95 32.16
CA GLY B 79 -5.26 12.02 33.12
C GLY B 79 -5.45 13.43 32.56
N ALA B 80 -5.69 13.52 31.26
CA ALA B 80 -5.88 14.82 30.63
C ALA B 80 -7.33 15.27 30.69
N ARG B 81 -7.52 16.59 30.78
CA ARG B 81 -8.85 17.17 30.65
C ARG B 81 -9.06 17.53 29.20
N VAL B 82 -10.17 17.10 28.65
CA VAL B 82 -10.52 17.50 27.28
C VAL B 82 -11.05 18.93 27.29
N GLY B 83 -10.52 19.74 26.39
CA GLY B 83 -11.01 21.11 26.25
C GLY B 83 -11.30 21.46 24.81
N THR B 84 -11.31 22.75 24.51
CA THR B 84 -11.50 23.23 23.16
C THR B 84 -10.53 24.37 22.95
N ALA B 85 -10.41 24.83 21.71
CA ALA B 85 -9.45 25.87 21.36
C ALA B 85 -9.44 27.05 22.33
N ALA B 86 -10.63 27.45 22.79
CA ALA B 86 -10.76 28.61 23.68
C ALA B 86 -9.97 28.42 24.97
N ASP B 87 -9.48 27.20 25.20
CA ASP B 87 -8.78 26.85 26.42
C ASP B 87 -7.27 27.07 26.35
N ALA B 88 -6.75 27.21 25.14
CA ALA B 88 -5.31 27.32 24.96
C ALA B 88 -4.67 28.43 25.80
N LYS B 89 -5.44 29.49 26.07
CA LYS B 89 -4.90 30.65 26.76
C LYS B 89 -4.58 30.40 28.24
N THR B 90 -5.05 29.29 28.78
CA THR B 90 -4.82 28.97 30.20
C THR B 90 -3.50 28.24 30.37
N ALA B 91 -2.86 27.91 29.25
CA ALA B 91 -1.68 27.07 29.29
C ALA B 91 -0.42 27.88 29.46
N ASP B 92 0.60 27.25 30.03
CA ASP B 92 1.93 27.84 30.11
C ASP B 92 2.81 27.18 29.07
N VAL B 93 2.31 26.08 28.50
CA VAL B 93 3.05 25.33 27.49
C VAL B 93 2.08 24.77 26.48
N ILE B 94 2.27 25.17 25.22
CA ILE B 94 1.48 24.63 24.14
C ILE B 94 2.36 23.64 23.41
N LEU B 95 1.93 22.39 23.36
CA LEU B 95 2.60 21.37 22.57
C LEU B 95 1.85 21.16 21.25
N LYS B 96 2.58 21.09 20.16
CA LYS B 96 1.95 21.18 18.86
C LYS B 96 2.79 20.46 17.81
N VAL B 97 2.17 20.14 16.68
CA VAL B 97 2.91 19.60 15.54
C VAL B 97 3.38 20.72 14.61
N ARG B 98 2.45 21.43 13.99
CA ARG B 98 2.80 22.51 13.07
C ARG B 98 2.79 23.88 13.73
N ARG B 99 3.49 24.82 13.10
CA ARG B 99 3.56 26.18 13.60
C ARG B 99 2.17 26.76 13.71
N PRO B 100 1.92 27.53 14.78
CA PRO B 100 0.66 28.24 15.06
C PRO B 100 0.27 29.19 13.93
N SER B 101 -0.99 29.12 13.52
CA SER B 101 -1.55 30.12 12.61
C SER B 101 -1.68 31.45 13.33
N ALA B 102 -1.73 32.55 12.58
CA ALA B 102 -1.97 33.86 13.16
C ALA B 102 -3.16 33.79 14.12
N GLN B 103 -4.22 33.13 13.69
CA GLN B 103 -5.42 32.99 14.49
C GLN B 103 -5.14 32.23 15.79
N GLU B 104 -4.46 31.10 15.67
CA GLU B 104 -4.09 30.31 16.84
C GLU B 104 -3.25 31.11 17.83
N ILE B 105 -2.24 31.84 17.34
CA ILE B 105 -1.38 32.55 18.28
C ILE B 105 -2.16 33.64 19.01
N SER B 106 -3.11 34.26 18.32
CA SER B 106 -3.94 35.28 18.92
C SER B 106 -4.74 34.70 20.10
N GLY B 107 -4.80 33.38 20.18
CA GLY B 107 -5.49 32.71 21.26
C GLY B 107 -4.59 32.14 22.36
N TYR B 108 -3.31 32.48 22.34
CA TYR B 108 -2.40 32.08 23.42
C TYR B 108 -2.11 33.28 24.29
N ARG B 109 -1.70 33.02 25.53
CA ARG B 109 -1.34 34.09 26.43
C ARG B 109 0.14 34.46 26.30
N SER B 110 0.40 35.76 26.22
CA SER B 110 1.76 36.27 26.33
C SER B 110 2.46 35.52 27.44
N GLY B 111 3.66 35.02 27.19
CA GLY B 111 4.39 34.30 28.20
C GLY B 111 4.38 32.80 28.01
N ALA B 112 3.33 32.27 27.37
CA ALA B 112 3.26 30.84 27.11
C ALA B 112 4.45 30.35 26.28
N VAL B 113 4.84 29.11 26.51
CA VAL B 113 5.85 28.46 25.69
C VAL B 113 5.12 27.74 24.57
N VAL B 114 5.71 27.71 23.39
CA VAL B 114 5.14 26.95 22.30
C VAL B 114 6.21 26.12 21.63
N ILE B 115 6.01 24.81 21.64
CA ILE B 115 6.95 23.89 21.01
C ILE B 115 6.26 23.17 19.86
N ALA B 116 6.92 23.17 18.70
CA ALA B 116 6.37 22.57 17.50
C ALA B 116 7.41 22.46 16.39
N ILE B 117 7.01 21.86 15.28
CA ILE B 117 7.81 21.93 14.07
C ILE B 117 7.49 23.26 13.40
N ASP B 119 8.95 25.26 11.20
CA ASP B 119 9.21 25.57 9.80
C ASP B 119 9.50 27.06 9.62
N PRO B 120 10.58 27.55 10.25
CA PRO B 120 10.90 28.98 10.32
C PRO B 120 11.31 29.54 8.96
N TYR B 121 12.16 28.79 8.26
CA TYR B 121 12.69 29.23 6.96
C TYR B 121 11.57 29.63 6.00
N GLY B 122 11.60 30.88 5.56
CA GLY B 122 10.59 31.38 4.66
C GLY B 122 9.31 31.80 5.36
N ASN B 123 9.35 31.86 6.68
CA ASN B 123 8.19 32.24 7.47
C ASN B 123 8.53 33.20 8.61
N GLU B 124 9.52 34.06 8.38
CA GLU B 124 10.03 34.93 9.44
C GLU B 124 9.04 35.99 9.90
N GLU B 125 8.03 36.26 9.09
CA GLU B 125 6.96 37.15 9.51
C GLU B 125 6.14 36.51 10.62
N ALA B 126 5.89 35.21 10.48
CA ALA B 126 5.19 34.43 11.50
C ALA B 126 5.99 34.38 12.79
N ILE B 127 7.31 34.21 12.64
CA ILE B 127 8.22 34.21 13.77
C ILE B 127 8.12 35.53 14.52
N SER B 128 8.12 36.61 13.76
CA SER B 128 7.97 37.94 14.31
C SER B 128 6.60 38.10 14.95
N ALA B 129 5.58 37.55 14.31
CA ALA B 129 4.23 37.59 14.86
C ALA B 129 4.22 36.95 16.23
N ALA B 131 6.89 36.56 18.29
CA ALA B 131 7.64 37.41 19.20
C ALA B 131 6.74 38.52 19.73
N GLY B 132 6.03 39.16 18.80
CA GLY B 132 5.11 40.25 19.13
C GLY B 132 4.05 39.79 20.11
N ALA B 133 3.59 38.55 19.96
CA ALA B 133 2.57 38.04 20.86
C ALA B 133 3.17 37.73 22.22
N GLY B 134 4.49 37.86 22.33
CA GLY B 134 5.19 37.64 23.58
C GLY B 134 5.34 36.19 23.98
N LEU B 135 5.45 35.31 22.99
CA LEU B 135 5.58 33.89 23.24
C LEU B 135 7.04 33.48 23.34
N THR B 136 7.30 32.36 24.01
CA THR B 136 8.60 31.72 23.97
C THR B 136 8.49 30.49 23.09
N THR B 137 8.93 30.59 21.84
CA THR B 137 8.73 29.50 20.89
C THR B 137 10.02 28.74 20.62
N PHE B 138 9.90 27.43 20.44
CA PHE B 138 11.04 26.57 20.16
C PHE B 138 10.74 25.79 18.90
N ALA B 139 11.73 25.69 18.01
CA ALA B 139 11.57 24.93 16.77
C ALA B 139 12.27 23.58 16.85
N GLU B 141 12.89 21.27 14.87
CA GLU B 141 13.77 20.85 13.76
C GLU B 141 15.17 21.40 13.93
N LEU B 142 15.34 22.31 14.88
CA LEU B 142 16.64 22.94 15.09
C LEU B 142 17.50 22.18 16.07
N PRO B 144 20.18 20.19 17.75
CA PRO B 144 21.56 19.79 17.41
C PRO B 144 21.61 18.29 17.19
N ARG B 145 22.17 17.86 16.06
CA ARG B 145 22.27 16.44 15.75
C ARG B 145 23.35 15.75 16.58
N ILE B 146 23.29 15.97 17.89
CA ILE B 146 24.26 15.40 18.81
C ILE B 146 23.75 14.13 19.48
N THR B 147 24.62 13.14 19.57
CA THR B 147 24.26 11.87 20.20
C THR B 147 23.37 12.07 21.44
N ARG B 148 23.65 13.12 22.21
CA ARG B 148 22.88 13.41 23.43
C ARG B 148 21.40 13.68 23.18
N ALA B 149 21.08 14.19 22.00
CA ALA B 149 19.71 14.60 21.71
C ALA B 149 18.95 13.66 20.76
N GLN B 150 19.46 12.44 20.60
CA GLN B 150 18.83 11.47 19.72
C GLN B 150 17.36 11.26 20.07
N SER B 151 17.07 11.16 21.36
CA SER B 151 15.75 10.81 21.84
C SER B 151 14.77 11.97 21.68
N ASP B 153 15.18 13.99 18.63
CA ASP B 153 15.35 14.40 17.24
C ASP B 153 14.10 14.11 16.39
N VAL B 154 13.36 15.16 16.08
CA VAL B 154 12.13 15.02 15.30
C VAL B 154 12.43 14.63 13.86
N LEU B 155 13.32 15.38 13.21
CA LEU B 155 13.77 15.07 11.86
C LEU B 155 14.09 13.58 11.72
N SER B 156 14.84 13.05 12.67
CA SER B 156 15.26 11.65 12.66
C SER B 156 14.08 10.68 12.89
N SER B 157 13.21 11.00 13.84
CA SER B 157 12.09 10.11 14.18
C SER B 157 11.07 10.07 13.05
N GLN B 158 10.80 11.23 12.45
CA GLN B 158 9.88 11.30 11.34
C GLN B 158 10.47 10.68 10.07
N ALA B 159 11.75 10.94 9.82
CA ALA B 159 12.39 10.46 8.60
C ALA B 159 12.42 8.93 8.58
N ASN B 160 12.64 8.33 9.73
CA ASN B 160 12.66 6.88 9.82
C ASN B 160 11.35 6.28 9.36
N LEU B 161 10.23 6.88 9.78
CA LEU B 161 8.91 6.41 9.39
C LEU B 161 8.66 6.71 7.92
N ALA B 162 9.05 7.90 7.48
CA ALA B 162 8.91 8.28 6.08
C ALA B 162 9.61 7.29 5.16
N GLY B 163 10.84 6.89 5.52
CA GLY B 163 11.61 5.94 4.75
C GLY B 163 10.87 4.62 4.56
N TYR B 164 10.20 4.18 5.63
CA TYR B 164 9.36 3.00 5.57
C TYR B 164 8.10 3.25 4.72
N GLN B 165 7.42 4.35 5.00
CA GLN B 165 6.20 4.69 4.26
C GLN B 165 6.46 4.75 2.76
N ALA B 166 7.61 5.31 2.39
CA ALA B 166 7.97 5.43 0.99
C ALA B 166 7.79 4.10 0.24
N VAL B 167 8.33 3.02 0.80
CA VAL B 167 8.27 1.72 0.14
C VAL B 167 6.85 1.18 0.09
N ILE B 168 6.07 1.44 1.14
CA ILE B 168 4.67 1.07 1.13
C ILE B 168 3.92 1.75 -0.01
N ASP B 169 4.18 3.05 -0.19
CA ASP B 169 3.53 3.79 -1.26
C ASP B 169 4.03 3.32 -2.62
N ALA B 170 5.33 3.08 -2.74
CA ALA B 170 5.87 2.57 -3.99
C ALA B 170 5.18 1.26 -4.36
N ALA B 171 4.99 0.40 -3.38
CA ALA B 171 4.28 -0.86 -3.58
C ALA B 171 2.83 -0.65 -4.01
N TYR B 172 2.20 0.37 -3.44
CA TYR B 172 0.81 0.67 -3.73
C TYR B 172 0.56 1.12 -5.18
N GLU B 173 1.45 1.95 -5.72
CA GLU B 173 1.29 2.54 -7.06
C GLU B 173 1.83 1.62 -8.15
N TYR B 174 2.82 0.81 -7.79
CA TYR B 174 3.43 -0.12 -8.71
C TYR B 174 2.38 -1.15 -9.15
N ASP B 175 2.49 -1.60 -10.39
CA ASP B 175 1.54 -2.57 -10.94
C ASP B 175 2.11 -3.99 -10.91
N ARG B 176 3.18 -4.16 -10.13
CA ARG B 176 3.71 -5.50 -9.93
C ARG B 176 4.02 -5.72 -8.45
N ALA B 177 4.16 -6.98 -8.09
CA ALA B 177 4.63 -7.33 -6.75
C ALA B 177 6.06 -6.87 -6.57
N LEU B 178 6.47 -6.65 -5.33
CA LEU B 178 7.85 -6.33 -5.03
C LEU B 178 8.71 -7.60 -4.84
N PRO B 179 8.18 -8.61 -4.14
CA PRO B 179 8.99 -9.82 -4.00
C PRO B 179 8.95 -10.66 -5.27
N THR B 183 4.81 -19.10 -8.51
CA THR B 183 3.45 -19.63 -8.54
C THR B 183 3.42 -20.83 -9.47
N ALA B 184 2.35 -21.62 -9.38
CA ALA B 184 2.18 -22.73 -10.30
C ALA B 184 2.20 -22.16 -11.71
N ALA B 185 1.81 -20.89 -11.82
CA ALA B 185 1.72 -20.21 -13.11
C ALA B 185 3.02 -19.57 -13.57
N GLY B 186 4.13 -19.90 -12.90
CA GLY B 186 5.40 -19.30 -13.23
C GLY B 186 5.83 -18.35 -12.13
N THR B 187 6.90 -17.61 -12.33
CA THR B 187 7.36 -16.73 -11.27
C THR B 187 7.48 -15.25 -11.66
N VAL B 188 6.85 -14.40 -10.86
CA VAL B 188 7.01 -12.96 -10.97
C VAL B 188 8.37 -12.53 -10.39
N PRO B 189 9.09 -11.68 -11.14
CA PRO B 189 10.44 -11.26 -10.73
C PRO B 189 10.38 -10.33 -9.53
N ALA B 190 11.51 -10.13 -8.88
CA ALA B 190 11.59 -9.15 -7.81
C ALA B 190 11.77 -7.77 -8.43
N ALA B 191 10.95 -6.81 -8.00
CA ALA B 191 11.12 -5.44 -8.46
C ALA B 191 12.54 -4.99 -8.14
N LYS B 192 13.04 -4.05 -8.93
CA LYS B 192 14.36 -3.50 -8.67
C LYS B 192 14.24 -2.09 -8.09
N ILE B 193 14.82 -1.89 -6.91
CA ILE B 193 14.67 -0.61 -6.23
C ILE B 193 15.98 0.08 -5.87
N PHE B 194 16.06 1.35 -6.19
CA PHE B 194 17.26 2.14 -6.02
C PHE B 194 16.91 3.29 -5.08
N VAL B 195 17.55 3.30 -3.92
CA VAL B 195 17.33 4.37 -2.96
C VAL B 195 18.47 5.38 -3.03
N GLY B 197 20.29 8.50 -1.37
CA GLY B 197 20.45 9.11 -0.06
C GLY B 197 20.31 8.04 1.01
N ALA B 198 21.41 7.73 1.69
CA ALA B 198 21.41 6.66 2.68
C ALA B 198 21.40 7.18 4.12
N GLY B 199 20.57 8.18 4.38
CA GLY B 199 20.42 8.70 5.72
C GLY B 199 19.37 7.88 6.47
N VAL B 200 18.72 8.52 7.43
CA VAL B 200 17.67 7.87 8.21
C VAL B 200 16.55 7.33 7.33
N ALA B 201 15.91 8.22 6.59
CA ALA B 201 14.85 7.81 5.67
C ALA B 201 15.34 6.71 4.76
N GLY B 202 16.44 6.96 4.06
CA GLY B 202 16.94 6.01 3.07
C GLY B 202 17.24 4.62 3.61
N LEU B 203 17.88 4.57 4.77
CA LEU B 203 18.18 3.30 5.43
C LEU B 203 16.91 2.48 5.63
N GLN B 204 15.92 3.12 6.26
CA GLN B 204 14.67 2.44 6.53
C GLN B 204 14.01 1.99 5.22
N ALA B 205 14.01 2.87 4.23
CA ALA B 205 13.53 2.52 2.91
C ALA B 205 14.22 1.24 2.42
N ILE B 206 15.54 1.21 2.54
CA ILE B 206 16.32 0.05 2.13
C ILE B 206 15.87 -1.21 2.86
N ALA B 207 15.81 -1.13 4.18
CA ALA B 207 15.43 -2.27 5.00
C ALA B 207 14.05 -2.78 4.59
N THR B 208 13.14 -1.87 4.32
CA THR B 208 11.77 -2.27 4.02
C THR B 208 11.69 -2.89 2.62
N ALA B 209 12.42 -2.31 1.69
CA ALA B 209 12.48 -2.91 0.36
C ALA B 209 13.07 -4.32 0.45
N ARG B 210 14.13 -4.46 1.25
CA ARG B 210 14.74 -5.78 1.49
C ARG B 210 13.76 -6.80 2.07
N ARG B 211 13.04 -6.40 3.12
CA ARG B 211 12.00 -7.25 3.70
C ARG B 211 11.08 -7.81 2.61
N LEU B 212 10.52 -6.90 1.82
CA LEU B 212 9.59 -7.25 0.75
C LEU B 212 10.30 -7.96 -0.41
N GLY B 213 11.58 -8.25 -0.22
CA GLY B 213 12.31 -9.11 -1.13
C GLY B 213 12.52 -8.51 -2.50
N ALA B 214 12.84 -7.21 -2.53
CA ALA B 214 13.21 -6.56 -3.76
C ALA B 214 14.72 -6.68 -3.98
N VAL B 215 15.14 -6.45 -5.22
CA VAL B 215 16.56 -6.30 -5.52
C VAL B 215 16.92 -4.84 -5.26
N VAL B 216 17.62 -4.62 -4.15
CA VAL B 216 17.85 -3.26 -3.68
C VAL B 216 19.26 -2.76 -3.94
N SER B 217 19.36 -1.47 -4.22
CA SER B 217 20.63 -0.82 -4.45
C SER B 217 20.47 0.61 -3.95
N ALA B 218 21.58 1.25 -3.63
CA ALA B 218 21.52 2.60 -3.11
C ALA B 218 22.79 3.34 -3.42
N THR B 219 22.73 4.66 -3.30
CA THR B 219 23.92 5.49 -3.40
C THR B 219 23.87 6.64 -2.41
N ASP B 220 25.03 7.25 -2.17
CA ASP B 220 25.14 8.38 -1.27
C ASP B 220 26.53 8.97 -1.42
N VAL B 221 26.65 10.28 -1.21
CA VAL B 221 27.94 10.95 -1.35
C VAL B 221 28.87 10.54 -0.22
N ARG B 222 28.33 10.35 0.98
CA ARG B 222 29.12 9.93 2.12
C ARG B 222 29.53 8.46 1.96
N PRO B 223 30.83 8.23 1.72
CA PRO B 223 31.38 6.88 1.50
C PRO B 223 31.25 5.99 2.73
N ALA B 224 30.98 6.59 3.88
CA ALA B 224 30.76 5.83 5.10
C ALA B 224 29.40 5.14 5.03
N ALA B 225 28.52 5.64 4.17
CA ALA B 225 27.20 5.08 4.00
C ALA B 225 27.22 3.74 3.24
N LYS B 226 28.28 3.52 2.47
CA LYS B 226 28.42 2.27 1.74
C LYS B 226 28.50 1.09 2.70
N GLU B 227 29.13 1.31 3.84
CA GLU B 227 29.18 0.29 4.88
C GLU B 227 27.75 -0.08 5.26
N GLN B 228 27.02 0.90 5.80
CA GLN B 228 25.68 0.67 6.31
C GLN B 228 24.75 -0.01 5.30
N VAL B 229 24.94 0.34 4.02
CA VAL B 229 24.05 -0.15 2.96
C VAL B 229 24.33 -1.61 2.62
N ALA B 230 25.61 -1.94 2.53
CA ALA B 230 26.01 -3.33 2.35
C ALA B 230 25.40 -4.20 3.45
N SER B 231 25.46 -3.68 4.67
CA SER B 231 24.99 -4.39 5.85
C SER B 231 23.49 -4.70 5.84
N LEU B 232 22.72 -3.88 5.13
CA LEU B 232 21.30 -4.15 4.98
C LEU B 232 21.09 -5.12 3.83
N GLY B 233 22.20 -5.54 3.22
CA GLY B 233 22.16 -6.52 2.14
C GLY B 233 21.81 -5.87 0.81
N ALA B 234 22.00 -4.56 0.74
CA ALA B 234 21.80 -3.84 -0.51
C ALA B 234 23.13 -3.45 -1.13
N LYS B 235 23.16 -3.38 -2.45
CA LYS B 235 24.36 -3.00 -3.18
C LYS B 235 24.51 -1.48 -3.27
N PHE B 236 25.69 -0.99 -2.90
CA PHE B 236 25.95 0.45 -2.93
C PHE B 236 26.51 0.82 -4.31
N ILE B 237 26.14 2.01 -4.79
CA ILE B 237 26.54 2.40 -6.13
C ILE B 237 27.36 3.69 -6.11
N ALA B 238 28.60 3.60 -6.60
CA ALA B 238 29.50 4.75 -6.60
C ALA B 238 30.72 4.49 -7.47
N ALA B 266 27.17 10.26 -11.91
CA ALA B 266 26.26 11.08 -12.72
C ALA B 266 25.96 10.41 -14.05
N ALA B 267 26.99 9.89 -14.71
CA ALA B 267 26.80 9.10 -15.91
C ALA B 267 26.37 7.70 -15.49
N LEU B 268 27.11 7.14 -14.53
CA LEU B 268 26.80 5.84 -13.96
C LEU B 268 25.36 5.82 -13.48
N VAL B 269 24.97 6.88 -12.77
CA VAL B 269 23.65 6.99 -12.17
C VAL B 269 22.51 6.91 -13.17
N ALA B 270 22.58 7.73 -14.22
CA ALA B 270 21.52 7.77 -15.22
C ALA B 270 21.36 6.41 -15.85
N GLU B 271 22.50 5.73 -16.03
CA GLU B 271 22.53 4.40 -16.61
C GLU B 271 21.88 3.38 -15.69
N HIS B 272 22.21 3.45 -14.41
CA HIS B 272 21.68 2.50 -13.42
C HIS B 272 20.18 2.67 -13.26
N ILE B 273 19.73 3.92 -13.18
CA ILE B 273 18.32 4.22 -13.06
C ILE B 273 17.50 3.64 -14.21
N ALA B 274 18.06 3.72 -15.42
CA ALA B 274 17.37 3.22 -16.61
C ALA B 274 16.98 1.77 -16.40
N LYS B 275 17.74 1.08 -15.56
CA LYS B 275 17.50 -0.33 -15.29
C LYS B 275 16.55 -0.58 -14.10
N GLN B 276 16.14 0.48 -13.40
CA GLN B 276 15.32 0.29 -12.20
C GLN B 276 13.80 0.32 -12.46
N ASP B 277 13.05 -0.37 -11.60
CA ASP B 277 11.59 -0.31 -11.61
C ASP B 277 11.14 0.83 -10.71
N ILE B 278 11.84 0.98 -9.58
CA ILE B 278 11.45 1.91 -8.55
C ILE B 278 12.66 2.66 -8.02
N VAL B 279 12.52 3.98 -7.91
CA VAL B 279 13.56 4.81 -7.32
C VAL B 279 12.99 5.70 -6.22
N ILE B 280 13.72 5.76 -5.10
CA ILE B 280 13.33 6.60 -3.97
C ILE B 280 14.41 7.64 -3.67
N THR B 281 14.00 8.89 -3.54
CA THR B 281 14.94 9.97 -3.27
C THR B 281 14.63 10.62 -1.94
N THR B 282 15.66 10.74 -1.10
CA THR B 282 15.47 11.13 0.29
C THR B 282 16.35 12.31 0.71
N ALA B 283 16.98 12.94 -0.28
CA ALA B 283 17.94 14.01 0.01
C ALA B 283 17.25 15.32 0.35
N LEU B 284 16.84 15.46 1.62
CA LEU B 284 16.19 16.69 2.06
C LEU B 284 17.09 17.44 3.02
N ILE B 285 17.48 18.66 2.63
CA ILE B 285 18.28 19.52 3.48
C ILE B 285 17.38 20.63 4.03
N PRO B 286 17.26 20.70 5.37
CA PRO B 286 16.27 21.55 6.04
C PRO B 286 16.58 23.04 5.92
N GLY B 287 15.68 23.79 5.31
CA GLY B 287 15.86 25.22 5.13
C GLY B 287 16.48 25.53 3.78
N ARG B 288 16.92 24.49 3.10
CA ARG B 288 17.56 24.64 1.82
C ARG B 288 16.75 23.96 0.74
N PRO B 289 16.84 24.48 -0.49
CA PRO B 289 16.25 23.77 -1.63
C PRO B 289 16.73 22.33 -1.62
N ALA B 290 16.01 21.44 -2.31
CA ALA B 290 16.44 20.06 -2.42
C ALA B 290 17.25 19.86 -3.69
N PRO B 291 18.31 19.04 -3.61
CA PRO B 291 19.12 18.73 -4.78
C PRO B 291 18.33 17.98 -5.85
N ARG B 292 18.51 18.37 -7.11
CA ARG B 292 18.04 17.58 -8.23
C ARG B 292 18.95 16.38 -8.38
N LEU B 293 18.39 15.19 -8.24
CA LEU B 293 19.17 13.96 -8.35
C LEU B 293 18.78 13.23 -9.62
N VAL B 294 17.55 13.47 -10.07
CA VAL B 294 17.01 12.78 -11.24
C VAL B 294 16.32 13.75 -12.20
N THR B 295 16.66 13.66 -13.48
CA THR B 295 16.09 14.56 -14.47
C THR B 295 14.96 13.92 -15.28
N ARG B 296 14.21 14.78 -15.97
CA ARG B 296 13.23 14.33 -16.95
C ARG B 296 13.87 13.30 -17.89
N GLU B 297 15.08 13.60 -18.34
CA GLU B 297 15.78 12.70 -19.25
C GLU B 297 16.12 11.33 -18.64
N LEU B 299 14.59 9.88 -16.58
CA LEU B 299 13.29 9.29 -16.33
C LEU B 299 12.66 8.86 -17.65
N ASP B 300 12.98 9.58 -18.72
CA ASP B 300 12.55 9.22 -20.07
C ASP B 300 13.04 7.83 -20.45
N SER B 301 14.04 7.36 -19.72
CA SER B 301 14.71 6.11 -20.07
C SER B 301 14.22 4.90 -19.29
N LYS B 303 11.69 1.95 -17.93
CA LYS B 303 10.63 1.13 -18.51
C LYS B 303 9.29 1.76 -18.17
N PRO B 304 8.38 1.76 -19.14
CA PRO B 304 7.00 2.17 -18.81
C PRO B 304 6.51 1.38 -17.60
N GLY B 305 5.82 2.06 -16.69
CA GLY B 305 5.28 1.42 -15.50
C GLY B 305 6.19 1.50 -14.29
N SER B 306 7.40 2.00 -14.46
CA SER B 306 8.26 2.24 -13.30
C SER B 306 7.72 3.40 -12.47
N VAL B 307 8.01 3.37 -11.17
CA VAL B 307 7.48 4.36 -10.24
C VAL B 307 8.62 4.98 -9.44
N VAL B 308 8.53 6.28 -9.22
CA VAL B 308 9.55 6.98 -8.47
C VAL B 308 8.91 7.74 -7.32
N VAL B 309 9.60 7.78 -6.19
CA VAL B 309 9.08 8.43 -5.01
C VAL B 309 10.04 9.51 -4.55
N ASP B 310 9.55 10.74 -4.49
CA ASP B 310 10.36 11.90 -4.12
C ASP B 310 9.97 12.40 -2.73
N LEU B 311 10.81 12.08 -1.75
CA LEU B 311 10.58 12.49 -0.36
C LEU B 311 10.93 13.97 -0.13
N ALA B 312 11.61 14.57 -1.09
CA ALA B 312 12.09 15.95 -0.93
C ALA B 312 11.18 16.95 -1.64
N VAL B 313 10.01 16.50 -2.08
CA VAL B 313 9.15 17.31 -2.93
C VAL B 313 8.73 18.63 -2.26
N GLU B 314 8.77 18.66 -0.94
CA GLU B 314 8.34 19.84 -0.18
C GLU B 314 9.35 20.97 -0.22
N ARG B 315 10.49 20.72 -0.85
CA ARG B 315 11.51 21.74 -1.10
C ARG B 315 11.95 21.69 -2.56
N GLY B 316 11.00 21.65 -3.47
CA GLY B 316 11.34 21.58 -4.88
C GLY B 316 11.58 20.17 -5.38
N GLY B 317 11.86 19.25 -4.45
CA GLY B 317 12.02 17.85 -4.79
C GLY B 317 13.37 17.48 -5.37
N ASN B 318 13.78 16.23 -5.15
CA ASN B 318 14.98 15.68 -5.79
C ASN B 318 14.73 15.36 -7.25
N ILE B 319 13.47 15.11 -7.57
CA ILE B 319 13.10 14.59 -8.88
C ILE B 319 12.36 15.61 -9.71
N GLU B 320 13.05 16.08 -10.75
CA GLU B 320 12.47 17.02 -11.71
C GLU B 320 11.11 16.50 -12.18
N GLY B 321 10.07 17.31 -12.01
CA GLY B 321 8.74 16.90 -12.39
C GLY B 321 7.86 16.48 -11.22
N ALA B 322 8.48 16.34 -10.05
CA ALA B 322 7.74 16.03 -8.85
C ALA B 322 6.74 17.14 -8.56
N GLU B 323 5.57 16.76 -8.07
CA GLU B 323 4.54 17.73 -7.71
C GLU B 323 4.03 17.47 -6.29
N ALA B 324 4.26 18.44 -5.41
CA ALA B 324 3.93 18.28 -4.01
C ALA B 324 2.44 18.02 -3.80
N GLY B 325 2.13 16.89 -3.16
CA GLY B 325 0.77 16.51 -2.85
C GLY B 325 0.12 15.69 -3.93
N LYS B 326 0.93 15.21 -4.87
CA LYS B 326 0.39 14.51 -6.02
C LYS B 326 1.18 13.28 -6.47
N VAL B 327 0.47 12.37 -7.12
CA VAL B 327 1.10 11.29 -7.88
C VAL B 327 0.85 11.58 -9.35
N THR B 328 1.91 11.93 -10.07
CA THR B 328 1.79 12.32 -11.48
C THR B 328 2.29 11.20 -12.38
N GLU B 329 1.72 11.13 -13.58
CA GLU B 329 2.06 10.07 -14.53
C GLU B 329 2.50 10.71 -15.83
N VAL B 330 3.77 10.52 -16.19
CA VAL B 330 4.28 11.03 -17.46
C VAL B 330 5.28 10.07 -18.09
N GLY B 331 4.97 9.61 -19.30
CA GLY B 331 5.79 8.63 -19.97
C GLY B 331 5.54 7.24 -19.41
N GLY B 332 4.45 7.11 -18.66
CA GLY B 332 4.14 5.87 -17.97
C GLY B 332 4.92 5.73 -16.67
N VAL B 333 5.62 6.79 -16.28
CA VAL B 333 6.32 6.83 -15.00
C VAL B 333 5.51 7.64 -13.98
N ARG B 334 5.26 7.03 -12.83
CA ARG B 334 4.52 7.70 -11.77
C ARG B 334 5.48 8.37 -10.81
N ILE B 335 5.28 9.66 -10.56
CA ILE B 335 6.08 10.38 -9.60
C ILE B 335 5.25 10.63 -8.34
N VAL B 336 5.65 9.98 -7.26
CA VAL B 336 4.92 10.03 -6.01
C VAL B 336 5.50 11.13 -5.14
N GLY B 337 4.69 12.16 -4.89
CA GLY B 337 5.14 13.34 -4.19
C GLY B 337 4.21 13.75 -3.08
N HIS B 338 3.81 12.79 -2.25
CA HIS B 338 2.95 13.08 -1.12
C HIS B 338 3.67 14.02 -0.15
N LEU B 339 2.90 14.79 0.61
CA LEU B 339 3.44 15.66 1.64
C LEU B 339 3.31 14.96 2.97
N ASN B 340 3.94 15.53 4.00
CA ASN B 340 3.85 15.01 5.36
C ASN B 340 3.86 13.48 5.38
N VAL B 341 4.87 12.90 4.76
CA VAL B 341 4.88 11.45 4.51
C VAL B 341 4.73 10.61 5.77
N ALA B 342 5.50 10.94 6.81
CA ALA B 342 5.43 10.24 8.08
C ALA B 342 4.01 10.33 8.65
N GLY B 343 3.31 11.41 8.32
CA GLY B 343 1.93 11.58 8.71
C GLY B 343 0.97 10.62 7.99
N ARG B 344 1.50 9.80 7.09
CA ARG B 344 0.69 8.78 6.43
C ARG B 344 0.59 7.50 7.29
N ILE B 345 1.43 7.43 8.31
CA ILE B 345 1.22 6.51 9.43
C ILE B 345 1.20 7.32 10.72
N ALA B 346 0.19 8.20 10.80
CA ALA B 346 0.03 9.17 11.89
C ALA B 346 0.15 8.60 13.29
N ALA B 347 -0.69 7.65 13.64
CA ALA B 347 -0.67 7.06 14.98
C ALA B 347 0.76 6.76 15.41
N SER B 348 1.47 6.03 14.55
CA SER B 348 2.83 5.61 14.86
C SER B 348 3.80 6.78 14.86
N ALA B 349 3.55 7.75 13.99
CA ALA B 349 4.36 8.97 13.94
C ALA B 349 4.18 9.85 15.19
N SER B 350 2.94 10.01 15.62
CA SER B 350 2.65 10.80 16.80
C SER B 350 3.26 10.16 18.04
N LEU B 351 3.26 8.84 18.06
CA LEU B 351 3.84 8.09 19.16
C LEU B 351 5.30 8.51 19.38
N LEU B 352 6.05 8.59 18.28
CA LEU B 352 7.47 8.97 18.35
C LEU B 352 7.70 10.47 18.59
N TYR B 353 6.89 11.30 17.94
CA TYR B 353 7.04 12.75 18.05
C TYR B 353 6.68 13.24 19.44
N ALA B 354 5.54 12.77 19.93
CA ALA B 354 5.05 13.14 21.25
C ALA B 354 6.12 12.84 22.31
N LYS B 355 6.82 11.73 22.12
CA LYS B 355 7.90 11.35 23.02
C LYS B 355 9.13 12.25 22.84
N ASN B 356 9.45 12.61 21.61
CA ASN B 356 10.48 13.60 21.36
C ASN B 356 10.23 14.86 22.20
N LEU B 357 9.00 15.36 22.12
CA LEU B 357 8.63 16.62 22.76
C LEU B 357 8.69 16.59 24.28
N VAL B 358 8.13 15.56 24.89
CA VAL B 358 8.13 15.46 26.34
C VAL B 358 9.56 15.33 26.84
N THR B 359 10.34 14.48 26.18
CA THR B 359 11.74 14.27 26.51
C THR B 359 12.47 15.60 26.53
N PHE B 360 12.23 16.41 25.51
CA PHE B 360 12.86 17.71 25.38
C PHE B 360 12.39 18.66 26.47
N LEU B 361 11.09 18.66 26.72
CA LEU B 361 10.49 19.53 27.72
C LEU B 361 11.10 19.26 29.10
N GLU B 362 11.32 17.98 29.37
CA GLU B 362 11.89 17.55 30.63
C GLU B 362 13.21 18.26 30.92
N THR B 363 14.07 18.37 29.92
CA THR B 363 15.36 19.02 30.13
C THR B 363 15.19 20.44 30.65
N VAL B 365 13.31 21.55 32.63
CA VAL B 365 12.94 21.61 34.05
C VAL B 365 14.18 21.58 34.92
N GLU B 379 21.85 25.30 25.65
CA GLU B 379 22.47 24.38 24.70
C GLU B 379 21.45 23.88 23.67
N LEU B 380 20.50 23.09 24.13
CA LEU B 380 19.38 22.70 23.30
C LEU B 380 18.47 23.91 23.13
N VAL B 381 18.25 24.62 24.23
CA VAL B 381 17.43 25.82 24.22
C VAL B 381 18.02 26.86 23.28
N LYS B 382 19.32 27.07 23.39
CA LYS B 382 20.02 28.02 22.53
C LYS B 382 19.80 27.71 21.05
N ALA B 383 19.84 26.43 20.70
CA ALA B 383 19.73 26.04 19.29
C ALA B 383 18.29 26.03 18.78
N THR B 384 17.32 25.78 19.68
CA THR B 384 15.92 25.72 19.25
C THR B 384 15.09 26.95 19.62
N ALA B 385 15.48 27.66 20.67
CA ALA B 385 14.75 28.86 21.06
C ALA B 385 14.69 29.87 19.92
N LEU B 386 13.50 30.37 19.68
CA LEU B 386 13.21 31.10 18.48
C LEU B 386 12.77 32.51 18.83
N THR B 387 11.76 32.61 19.69
CA THR B 387 11.35 33.89 20.27
C THR B 387 11.35 33.82 21.79
N HIS B 388 11.46 34.98 22.43
CA HIS B 388 11.24 35.05 23.88
C HIS B 388 11.11 36.49 24.36
N GLY B 389 10.29 36.67 25.39
CA GLY B 389 10.18 37.96 26.05
C GLY B 389 9.80 39.11 25.15
N GLY B 390 9.22 38.82 23.99
CA GLY B 390 8.79 39.86 23.08
C GLY B 390 9.74 40.14 21.93
N ALA B 391 10.77 39.30 21.76
CA ALA B 391 11.74 39.50 20.69
C ALA B 391 12.10 38.22 19.97
N VAL B 392 12.57 38.36 18.74
CA VAL B 392 13.19 37.25 18.02
C VAL B 392 14.61 37.06 18.55
N VAL B 393 14.87 35.92 19.17
CA VAL B 393 16.15 35.73 19.83
C VAL B 393 17.09 34.78 19.09
N HIS B 394 16.59 34.09 18.08
CA HIS B 394 17.44 33.14 17.37
C HIS B 394 18.32 33.86 16.38
N PRO B 395 19.64 33.78 16.60
CA PRO B 395 20.70 34.44 15.83
C PRO B 395 20.53 34.25 14.34
N ALA B 396 20.01 33.10 13.94
CA ALA B 396 19.80 32.80 12.52
C ALA B 396 18.59 33.55 11.95
N PHE B 397 17.94 34.34 12.79
CA PHE B 397 16.84 35.19 12.34
C PHE B 397 16.89 36.51 13.09
#